data_5T5Q
#
_entry.id   5T5Q
#
_cell.length_a   64.850
_cell.length_b   108.150
_cell.length_c   65.660
_cell.angle_alpha   90.000
_cell.angle_beta   103.120
_cell.angle_gamma   90.000
#
_symmetry.space_group_name_H-M   'P 1 21 1'
#
loop_
_entity.id
_entity.type
_entity.pdbx_description
1 polymer 'Short-chain dehydrogenase/reductase SDR:Glucose/ribitol dehydrogenase'
2 non-polymer NICOTINAMIDE-ADENINE-DINUCLEOTIDE
3 non-polymer 'SULFATE ION'
4 non-polymer (4S)-2-METHYL-2,4-PENTANEDIOL
5 water water
#
_entity_poly.entity_id   1
_entity_poly.type   'polypeptide(L)'
_entity_poly.pdbx_seq_one_letter_code
;GSMKFEFENRTLVLTGANGGIGRAIAELFHASGANLVLTDLDREGLDAFAASLGSPERIATIKADASSADDAEKTVALAM
ERFGGIDFLVPSAGIYQAKPFAEMSDADWHRTISINLDGVFYLCKRALPALKEDSSIVTLASLAAYRGAYVNAHYGATKG
AMVSMTRALSRELAPKTRVNGVSPGIIETPMTSELLKTRMDETMTQTPLKRLGKPSEIASVIAFLCSPAASFVTGETIQV
NGGIYMA
;
_entity_poly.pdbx_strand_id   A,B,C,D
#
# COMPACT_ATOMS: atom_id res chain seq x y z
N MET A 3 -3.50 27.06 -6.08
CA MET A 3 -2.25 27.76 -5.85
C MET A 3 -1.82 28.51 -7.10
N LYS A 4 -0.80 29.35 -6.94
CA LYS A 4 -0.23 30.10 -8.05
C LYS A 4 1.26 29.81 -8.01
N PHE A 5 1.79 29.29 -9.11
CA PHE A 5 3.15 28.79 -9.11
C PHE A 5 4.06 29.82 -9.75
N GLU A 6 5.24 29.98 -9.18
CA GLU A 6 6.22 30.97 -9.61
C GLU A 6 7.34 30.14 -10.21
N PHE A 7 7.22 29.84 -11.50
CA PHE A 7 8.20 29.00 -12.18
C PHE A 7 9.04 29.82 -13.14
N GLU A 8 9.11 31.13 -12.92
CA GLU A 8 9.89 31.99 -13.81
C GLU A 8 11.33 31.49 -13.85
N ASN A 9 11.88 31.44 -15.07
CA ASN A 9 13.26 31.06 -15.32
C ASN A 9 13.56 29.62 -14.92
N ARG A 10 12.53 28.81 -14.77
CA ARG A 10 12.67 27.38 -14.54
C ARG A 10 12.11 26.64 -15.76
N THR A 11 12.71 25.50 -16.07
CA THR A 11 12.51 24.83 -17.37
C THR A 11 11.86 23.46 -17.19
N LEU A 12 10.74 23.26 -17.86
CA LEU A 12 10.02 21.99 -17.90
C LEU A 12 10.35 21.27 -19.20
N VAL A 13 10.76 20.02 -19.09
CA VAL A 13 10.85 19.12 -20.24
C VAL A 13 9.69 18.11 -20.10
N LEU A 14 8.83 18.09 -21.13
CA LEU A 14 7.58 17.33 -21.10
C LEU A 14 7.45 16.56 -22.41
N THR A 15 7.37 15.23 -22.31
CA THR A 15 7.12 14.40 -23.49
C THR A 15 5.62 14.15 -23.62
N GLY A 16 5.22 13.75 -24.84
CA GLY A 16 3.81 13.61 -25.13
C GLY A 16 3.05 14.89 -24.91
N ALA A 17 3.67 16.04 -25.14
CA ALA A 17 3.11 17.33 -24.75
C ALA A 17 1.84 17.68 -25.48
N ASN A 18 1.51 17.00 -26.58
CA ASN A 18 0.29 17.32 -27.32
C ASN A 18 -0.92 16.53 -26.82
N GLY A 19 -0.75 15.64 -25.84
CA GLY A 19 -1.85 14.85 -25.32
C GLY A 19 -2.77 15.66 -24.40
N GLY A 20 -3.84 15.01 -23.97
CA GLY A 20 -4.80 15.67 -23.11
C GLY A 20 -4.16 16.15 -21.82
N ILE A 21 -3.54 15.23 -21.08
CA ILE A 21 -2.86 15.62 -19.85
C ILE A 21 -1.61 16.42 -20.18
N GLY A 22 -0.91 16.04 -21.25
CA GLY A 22 0.29 16.78 -21.62
C GLY A 22 0.03 18.26 -21.86
N ARG A 23 -1.04 18.57 -22.62
CA ARG A 23 -1.38 19.97 -22.88
C ARG A 23 -1.72 20.71 -21.59
N ALA A 24 -2.45 20.08 -20.67
CA ALA A 24 -2.79 20.74 -19.41
C ALA A 24 -1.55 21.10 -18.60
N ILE A 25 -0.55 20.19 -18.57
CA ILE A 25 0.70 20.46 -17.87
C ILE A 25 1.42 21.64 -18.50
N ALA A 26 1.59 21.61 -19.82
CA ALA A 26 2.26 22.70 -20.53
C ALA A 26 1.59 24.03 -20.26
N GLU A 27 0.25 24.07 -20.35
CA GLU A 27 -0.49 25.32 -20.14
C GLU A 27 -0.25 25.87 -18.74
N LEU A 28 -0.29 25.01 -17.73
CA LEU A 28 -0.14 25.47 -16.36
C LEU A 28 1.27 25.97 -16.11
N PHE A 29 2.27 25.21 -16.54
CA PHE A 29 3.64 25.62 -16.30
C PHE A 29 3.96 26.89 -17.06
N HIS A 30 3.50 26.99 -18.30
CA HIS A 30 3.71 28.20 -19.08
C HIS A 30 3.00 29.39 -18.44
N ALA A 31 1.75 29.22 -18.02
CA ALA A 31 1.05 30.30 -17.32
C ALA A 31 1.78 30.72 -16.05
N SER A 32 2.60 29.84 -15.48
CA SER A 32 3.37 30.10 -14.27
C SER A 32 4.74 30.69 -14.56
N GLY A 33 5.01 31.04 -15.81
CA GLY A 33 6.26 31.68 -16.17
C GLY A 33 7.39 30.76 -16.57
N ALA A 34 7.15 29.45 -16.66
CA ALA A 34 8.23 28.52 -16.91
C ALA A 34 8.67 28.55 -18.39
N ASN A 35 9.89 28.06 -18.61
CA ASN A 35 10.36 27.72 -19.94
C ASN A 35 9.89 26.30 -20.26
N LEU A 36 9.50 26.07 -21.50
CA LEU A 36 8.99 24.77 -21.92
C LEU A 36 9.81 24.20 -23.07
N VAL A 37 10.24 22.95 -22.88
CA VAL A 37 10.76 22.09 -23.95
C VAL A 37 9.72 20.99 -24.14
N LEU A 38 8.97 21.07 -25.23
CA LEU A 38 7.84 20.17 -25.49
C LEU A 38 8.20 19.18 -26.58
N THR A 39 7.91 17.89 -26.34
CA THR A 39 8.14 16.90 -27.38
C THR A 39 6.87 16.11 -27.63
N ASP A 40 6.74 15.61 -28.84
CA ASP A 40 5.62 14.75 -29.18
C ASP A 40 5.94 14.08 -30.50
N LEU A 41 5.25 12.98 -30.76
CA LEU A 41 5.38 12.32 -32.04
C LEU A 41 4.68 13.12 -33.15
N ASP A 42 3.70 13.93 -32.78
CA ASP A 42 2.89 14.72 -33.72
C ASP A 42 3.44 16.15 -33.75
N ARG A 43 4.32 16.43 -34.72
CA ARG A 43 5.05 17.70 -34.72
C ARG A 43 4.14 18.87 -35.07
N GLU A 44 3.24 18.68 -36.05
CA GLU A 44 2.40 19.79 -36.48
C GLU A 44 1.36 20.14 -35.42
N GLY A 45 0.69 19.15 -34.85
CA GLY A 45 -0.25 19.41 -33.77
C GLY A 45 0.41 20.13 -32.60
N LEU A 46 1.60 19.66 -32.21
CA LEU A 46 2.31 20.29 -31.10
C LEU A 46 2.64 21.75 -31.40
N ASP A 47 3.19 22.02 -32.60
CA ASP A 47 3.56 23.40 -32.93
C ASP A 47 2.33 24.30 -32.90
N ALA A 48 1.20 23.81 -33.42
CA ALA A 48 -0.04 24.59 -33.36
C ALA A 48 -0.44 24.86 -31.92
N PHE A 49 -0.34 23.85 -31.06
CA PHE A 49 -0.62 24.06 -29.64
C PHE A 49 0.35 25.08 -29.04
N ALA A 50 1.65 24.91 -29.30
CA ALA A 50 2.64 25.80 -28.72
C ALA A 50 2.41 27.25 -29.15
N ALA A 51 1.97 27.46 -30.39
CA ALA A 51 1.71 28.81 -30.87
C ALA A 51 0.62 29.49 -30.06
N SER A 52 -0.42 28.73 -29.66
CA SER A 52 -1.53 29.28 -28.90
C SER A 52 -1.10 29.82 -27.54
N LEU A 53 -0.05 29.24 -26.93
CA LEU A 53 0.43 29.73 -25.64
C LEU A 53 1.14 31.08 -25.76
N GLY A 54 1.67 31.39 -26.94
CA GLY A 54 2.27 32.68 -27.23
C GLY A 54 3.24 33.32 -26.26
N SER A 55 4.31 32.62 -25.93
CA SER A 55 5.56 33.25 -25.53
C SER A 55 6.68 32.45 -26.16
N PRO A 56 6.81 32.52 -27.49
CA PRO A 56 7.75 31.64 -28.20
C PRO A 56 9.17 31.72 -27.68
N GLU A 57 9.57 32.85 -27.08
CA GLU A 57 10.88 32.91 -26.44
C GLU A 57 10.98 31.90 -25.28
N ARG A 58 9.84 31.54 -24.67
CA ARG A 58 9.82 30.59 -23.56
C ARG A 58 9.39 29.17 -23.97
N ILE A 59 9.21 28.90 -25.27
CA ILE A 59 8.76 27.59 -25.72
C ILE A 59 9.70 27.09 -26.81
N ALA A 60 10.14 25.83 -26.68
CA ALA A 60 10.89 25.12 -27.70
C ALA A 60 10.24 23.77 -27.91
N THR A 61 10.03 23.39 -29.15
CA THR A 61 9.38 22.13 -29.47
C THR A 61 10.29 21.27 -30.32
N ILE A 62 10.03 19.97 -30.31
CA ILE A 62 10.82 19.02 -31.06
C ILE A 62 9.96 17.79 -31.31
N LYS A 63 10.12 17.19 -32.49
CA LYS A 63 9.52 15.89 -32.75
C LYS A 63 10.39 14.82 -32.10
N ALA A 64 9.81 14.03 -31.21
CA ALA A 64 10.61 13.03 -30.53
C ALA A 64 9.77 11.79 -30.26
N ASP A 65 10.32 10.62 -30.57
CA ASP A 65 9.68 9.36 -30.25
C ASP A 65 10.16 8.95 -28.87
N ALA A 66 9.22 8.80 -27.94
CA ALA A 66 9.56 8.46 -26.57
C ALA A 66 10.35 7.17 -26.49
N SER A 67 10.10 6.22 -27.39
CA SER A 67 10.82 4.97 -27.35
C SER A 67 12.23 5.07 -27.91
N SER A 68 12.63 6.24 -28.42
CA SER A 68 13.94 6.40 -29.05
C SER A 68 14.93 7.05 -28.09
N ALA A 69 16.00 6.33 -27.75
CA ALA A 69 17.03 6.90 -26.90
C ALA A 69 17.71 8.09 -27.56
N ASP A 70 17.89 8.03 -28.90
CA ASP A 70 18.44 9.16 -29.64
C ASP A 70 17.59 10.42 -29.46
N ASP A 71 16.27 10.27 -29.53
CA ASP A 71 15.38 11.42 -29.35
C ASP A 71 15.44 11.96 -27.94
N ALA A 72 15.65 11.08 -26.96
CA ALA A 72 15.86 11.53 -25.60
C ALA A 72 17.10 12.41 -25.49
N GLU A 73 18.19 11.98 -26.12
CA GLU A 73 19.42 12.75 -26.15
C GLU A 73 19.20 14.10 -26.82
N LYS A 74 18.50 14.08 -27.96
CA LYS A 74 18.18 15.32 -28.66
C LYS A 74 17.30 16.23 -27.82
N THR A 75 16.39 15.65 -27.04
CA THR A 75 15.50 16.45 -26.22
C THR A 75 16.29 17.22 -25.17
N VAL A 76 17.19 16.53 -24.47
CA VAL A 76 17.99 17.15 -23.43
C VAL A 76 18.94 18.19 -24.03
N ALA A 77 19.55 17.88 -25.18
CA ALA A 77 20.43 18.84 -25.82
C ALA A 77 19.67 20.11 -26.18
N LEU A 78 18.42 19.97 -26.62
CA LEU A 78 17.60 21.14 -26.90
C LEU A 78 17.35 21.95 -25.64
N ALA A 79 17.03 21.28 -24.53
CA ALA A 79 16.85 21.98 -23.27
C ALA A 79 18.13 22.71 -22.87
N MET A 80 19.28 22.03 -23.02
CA MET A 80 20.55 22.66 -22.69
C MET A 80 20.81 23.88 -23.57
N GLU A 81 20.59 23.75 -24.87
CA GLU A 81 20.92 24.83 -25.79
C GLU A 81 20.02 26.04 -25.58
N ARG A 82 18.71 25.83 -25.42
CA ARG A 82 17.80 26.97 -25.34
C ARG A 82 17.76 27.59 -23.95
N PHE A 83 17.77 26.77 -22.89
CA PHE A 83 17.52 27.29 -21.54
C PHE A 83 18.59 26.93 -20.54
N GLY A 84 19.61 26.15 -20.92
CA GLY A 84 20.73 25.90 -20.05
C GLY A 84 20.52 24.81 -19.00
N GLY A 85 19.38 24.15 -18.97
CA GLY A 85 19.21 23.08 -18.00
C GLY A 85 17.76 22.68 -17.87
N ILE A 86 17.53 21.76 -16.93
CA ILE A 86 16.20 21.19 -16.70
C ILE A 86 15.88 21.31 -15.21
N ASP A 87 14.76 21.95 -14.90
CA ASP A 87 14.24 22.03 -13.54
C ASP A 87 13.18 20.98 -13.27
N PHE A 88 12.33 20.71 -14.26
CA PHE A 88 11.22 19.77 -14.14
C PHE A 88 11.24 18.83 -15.32
N LEU A 89 11.27 17.53 -15.05
CA LEU A 89 11.27 16.50 -16.08
C LEU A 89 10.01 15.67 -15.90
N VAL A 90 9.13 15.69 -16.89
CA VAL A 90 7.85 14.99 -16.78
C VAL A 90 7.70 14.07 -17.97
N PRO A 91 8.05 12.73 -17.83
CA PRO A 91 7.93 11.77 -18.96
C PRO A 91 6.50 11.27 -19.08
N SER A 92 5.68 12.12 -19.70
CA SER A 92 4.25 11.95 -19.79
C SER A 92 3.81 11.08 -20.95
N ALA A 93 4.62 10.97 -22.01
CA ALA A 93 4.22 10.18 -23.17
C ALA A 93 3.91 8.74 -22.78
N GLY A 94 2.79 8.23 -23.27
CA GLY A 94 2.44 6.85 -23.03
C GLY A 94 1.31 6.41 -23.94
N ILE A 95 1.17 5.10 -24.09
CA ILE A 95 0.04 4.54 -24.83
C ILE A 95 -0.78 3.63 -23.93
N TYR A 96 -2.07 3.61 -24.19
CA TYR A 96 -3.03 2.85 -23.40
C TYR A 96 -3.80 2.02 -24.41
N GLN A 97 -3.47 0.74 -24.53
CA GLN A 97 -4.10 -0.13 -25.51
C GLN A 97 -5.01 -1.10 -24.78
N ALA A 98 -6.25 -1.20 -25.23
CA ALA A 98 -7.15 -2.24 -24.75
C ALA A 98 -6.79 -3.54 -25.46
N LYS A 99 -6.33 -4.55 -24.72
CA LYS A 99 -5.88 -5.79 -25.35
C LYS A 99 -6.04 -6.92 -24.35
N PRO A 100 -7.14 -7.67 -24.42
CA PRO A 100 -7.27 -8.85 -23.56
C PRO A 100 -6.04 -9.72 -23.65
N PHE A 101 -5.62 -10.24 -22.50
CA PHE A 101 -4.35 -10.95 -22.43
C PHE A 101 -4.30 -12.15 -23.37
N ALA A 102 -5.42 -12.89 -23.50
CA ALA A 102 -5.41 -14.03 -24.41
C ALA A 102 -5.19 -13.61 -25.86
N GLU A 103 -5.41 -12.33 -26.20
CA GLU A 103 -5.22 -11.86 -27.57
C GLU A 103 -3.93 -11.06 -27.73
N MET A 104 -3.12 -10.93 -26.69
CA MET A 104 -2.00 -10.00 -26.71
C MET A 104 -0.83 -10.57 -27.50
N SER A 105 -0.45 -9.88 -28.59
CA SER A 105 0.69 -10.30 -29.39
C SER A 105 1.99 -9.88 -28.72
N ASP A 106 3.10 -10.53 -29.13
CA ASP A 106 4.40 -10.08 -28.65
C ASP A 106 4.67 -8.63 -29.04
N ALA A 107 4.23 -8.24 -30.25
CA ALA A 107 4.37 -6.85 -30.66
C ALA A 107 3.55 -5.91 -29.77
N ASP A 108 2.33 -6.30 -29.41
CA ASP A 108 1.55 -5.47 -28.49
C ASP A 108 2.32 -5.21 -27.20
N TRP A 109 2.87 -6.28 -26.61
CA TRP A 109 3.58 -6.15 -25.34
C TRP A 109 4.77 -5.22 -25.48
N HIS A 110 5.60 -5.47 -26.48
CA HIS A 110 6.83 -4.70 -26.64
C HIS A 110 6.54 -3.24 -26.88
N ARG A 111 5.52 -2.94 -27.67
CA ARG A 111 5.23 -1.55 -27.99
C ARG A 111 4.89 -0.76 -26.73
N THR A 112 4.09 -1.35 -25.85
CA THR A 112 3.72 -0.67 -24.62
C THR A 112 4.90 -0.56 -23.65
N ILE A 113 5.68 -1.63 -23.50
CA ILE A 113 6.85 -1.53 -22.64
C ILE A 113 7.85 -0.52 -23.19
N SER A 114 8.01 -0.46 -24.52
CA SER A 114 8.99 0.43 -25.11
CA SER A 114 8.98 0.43 -25.13
C SER A 114 8.65 1.90 -24.86
N ILE A 115 7.39 2.27 -25.08
CA ILE A 115 6.98 3.66 -24.90
C ILE A 115 6.85 4.00 -23.42
N ASN A 116 6.09 3.18 -22.65
CA ASN A 116 5.74 3.52 -21.28
C ASN A 116 6.85 3.26 -20.26
N LEU A 117 7.82 2.43 -20.60
CA LEU A 117 8.82 2.07 -19.60
C LEU A 117 10.23 2.34 -20.12
N ASP A 118 10.64 1.71 -21.23
CA ASP A 118 11.97 2.03 -21.78
C ASP A 118 12.13 3.55 -21.97
N GLY A 119 11.11 4.20 -22.53
CA GLY A 119 11.22 5.62 -22.81
C GLY A 119 11.46 6.45 -21.57
N VAL A 120 10.83 6.06 -20.45
CA VAL A 120 11.07 6.80 -19.21
C VAL A 120 12.51 6.64 -18.75
N PHE A 121 13.06 5.43 -18.86
CA PHE A 121 14.47 5.23 -18.56
C PHE A 121 15.36 6.15 -19.40
N TYR A 122 15.19 6.13 -20.73
CA TYR A 122 16.06 6.93 -21.60
C TYR A 122 16.02 8.41 -21.21
N LEU A 123 14.82 8.93 -20.96
CA LEU A 123 14.70 10.36 -20.66
C LEU A 123 15.32 10.70 -19.32
N CYS A 124 15.05 9.89 -18.29
CA CYS A 124 15.65 10.12 -16.98
C CYS A 124 17.17 10.01 -17.05
N LYS A 125 17.67 8.96 -17.72
CA LYS A 125 19.12 8.75 -17.78
C LYS A 125 19.82 9.89 -18.52
N ARG A 126 19.31 10.25 -19.71
CA ARG A 126 19.96 11.31 -20.49
C ARG A 126 19.80 12.69 -19.84
N ALA A 127 18.79 12.88 -19.00
CA ALA A 127 18.56 14.19 -18.41
C ALA A 127 19.51 14.50 -17.26
N LEU A 128 20.12 13.47 -16.65
CA LEU A 128 20.90 13.63 -15.42
C LEU A 128 21.90 14.78 -15.46
N PRO A 129 22.76 14.92 -16.48
CA PRO A 129 23.72 16.05 -16.46
C PRO A 129 23.05 17.40 -16.55
N ALA A 130 21.81 17.47 -17.05
CA ALA A 130 21.15 18.76 -17.25
C ALA A 130 20.27 19.17 -16.08
N LEU A 131 20.04 18.29 -15.11
CA LEU A 131 19.15 18.63 -14.01
C LEU A 131 19.80 19.68 -13.10
N LYS A 132 19.02 20.69 -12.73
CA LYS A 132 19.49 21.75 -11.84
C LYS A 132 19.21 21.40 -10.39
N GLU A 133 19.71 22.24 -9.49
CA GLU A 133 19.43 22.06 -8.08
CA GLU A 133 19.43 22.07 -8.07
C GLU A 133 17.94 22.29 -7.80
N ASP A 134 17.42 21.57 -6.81
CA ASP A 134 16.01 21.62 -6.43
C ASP A 134 15.10 21.22 -7.58
N SER A 135 15.59 20.36 -8.46
CA SER A 135 14.79 19.91 -9.60
C SER A 135 13.85 18.79 -9.16
N SER A 136 12.92 18.45 -10.06
CA SER A 136 11.92 17.42 -9.86
C SER A 136 11.79 16.57 -11.11
N ILE A 137 11.64 15.26 -10.90
CA ILE A 137 11.07 14.36 -11.90
C ILE A 137 9.70 13.96 -11.37
N VAL A 138 8.68 14.01 -12.22
CA VAL A 138 7.36 13.53 -11.85
C VAL A 138 6.92 12.54 -12.92
N THR A 139 6.76 11.29 -12.52
CA THR A 139 6.29 10.23 -13.40
C THR A 139 4.76 10.18 -13.43
N LEU A 140 4.22 9.53 -14.47
CA LEU A 140 2.79 9.31 -14.59
C LEU A 140 2.52 7.82 -14.40
N ALA A 141 1.89 7.48 -13.29
CA ALA A 141 1.45 6.11 -13.04
C ALA A 141 0.03 6.00 -13.52
N SER A 142 -0.81 5.21 -12.85
CA SER A 142 -2.22 5.10 -13.25
C SER A 142 -3.01 4.32 -12.21
N LEU A 143 -4.29 4.62 -12.12
CA LEU A 143 -5.22 3.77 -11.38
C LEU A 143 -5.00 2.30 -11.70
N ALA A 144 -4.72 1.97 -12.97
CA ALA A 144 -4.56 0.56 -13.33
C ALA A 144 -3.43 -0.10 -12.57
N ALA A 145 -2.40 0.66 -12.18
CA ALA A 145 -1.31 0.03 -11.45
C ALA A 145 -1.77 -0.49 -10.10
N TYR A 146 -2.75 0.17 -9.51
CA TYR A 146 -3.20 -0.13 -8.16
C TYR A 146 -4.42 -1.03 -8.15
N ARG A 147 -5.40 -0.74 -8.99
CA ARG A 147 -6.64 -1.50 -9.05
C ARG A 147 -6.47 -2.80 -9.82
N GLY A 148 -5.47 -2.87 -10.69
CA GLY A 148 -5.31 -3.99 -11.60
C GLY A 148 -6.04 -3.72 -12.90
N ALA A 149 -5.31 -3.67 -14.00
CA ALA A 149 -5.93 -3.41 -15.29
C ALA A 149 -6.94 -4.50 -15.64
N TYR A 150 -8.02 -4.10 -16.32
CA TYR A 150 -9.04 -5.09 -16.70
C TYR A 150 -8.69 -5.81 -17.99
N VAL A 151 -8.12 -5.10 -18.97
CA VAL A 151 -7.76 -5.69 -20.25
C VAL A 151 -6.50 -5.02 -20.77
N ASN A 152 -5.52 -4.83 -19.90
CA ASN A 152 -4.30 -4.09 -20.27
C ASN A 152 -3.16 -4.51 -19.37
N ALA A 153 -2.78 -5.79 -19.40
CA ALA A 153 -1.75 -6.27 -18.47
C ALA A 153 -0.41 -5.62 -18.75
N HIS A 154 -0.12 -5.33 -20.00
CA HIS A 154 1.14 -4.64 -20.34
C HIS A 154 1.13 -3.22 -19.79
N TYR A 155 0.03 -2.51 -20.00
CA TYR A 155 -0.13 -1.16 -19.46
C TYR A 155 0.01 -1.17 -17.96
N GLY A 156 -0.71 -2.07 -17.29
CA GLY A 156 -0.63 -2.13 -15.84
C GLY A 156 0.78 -2.40 -15.36
N ALA A 157 1.49 -3.32 -16.03
CA ALA A 157 2.88 -3.59 -15.68
C ALA A 157 3.73 -2.32 -15.76
N THR A 158 3.60 -1.56 -16.86
CA THR A 158 4.45 -0.38 -16.99
C THR A 158 4.14 0.66 -15.90
N LYS A 159 2.89 0.77 -15.47
CA LYS A 159 2.56 1.78 -14.45
C LYS A 159 2.91 1.31 -13.04
N GLY A 160 2.92 0.01 -12.76
CA GLY A 160 3.52 -0.46 -11.52
C GLY A 160 5.02 -0.21 -11.53
N ALA A 161 5.65 -0.42 -12.69
CA ALA A 161 7.06 -0.11 -12.82
C ALA A 161 7.35 1.36 -12.51
N MET A 162 6.48 2.27 -12.97
CA MET A 162 6.65 3.68 -12.66
C MET A 162 6.71 3.92 -11.16
N VAL A 163 5.81 3.28 -10.40
CA VAL A 163 5.76 3.53 -8.96
C VAL A 163 7.06 3.12 -8.30
N SER A 164 7.57 1.93 -8.65
CA SER A 164 8.79 1.43 -8.02
C SER A 164 10.03 2.15 -8.55
N MET A 165 10.03 2.50 -9.84
CA MET A 165 11.17 3.24 -10.38
C MET A 165 11.26 4.63 -9.75
N THR A 166 10.10 5.23 -9.48
CA THR A 166 10.05 6.51 -8.78
C THR A 166 10.71 6.42 -7.40
N ARG A 167 10.41 5.35 -6.64
CA ARG A 167 11.06 5.16 -5.35
C ARG A 167 12.57 5.00 -5.50
N ALA A 168 12.99 4.22 -6.49
CA ALA A 168 14.43 3.98 -6.69
C ALA A 168 15.17 5.26 -7.03
N LEU A 169 14.67 6.02 -8.01
CA LEU A 169 15.36 7.24 -8.42
C LEU A 169 15.31 8.31 -7.34
N SER A 170 14.24 8.28 -6.54
CA SER A 170 14.17 9.17 -5.38
C SER A 170 15.37 8.98 -4.47
N ARG A 171 15.72 7.73 -4.17
CA ARG A 171 16.91 7.44 -3.37
C ARG A 171 18.17 7.88 -4.08
N GLU A 172 18.29 7.57 -5.37
CA GLU A 172 19.58 7.78 -6.02
C GLU A 172 19.83 9.24 -6.40
N LEU A 173 18.79 9.99 -6.73
CA LEU A 173 18.98 11.34 -7.22
C LEU A 173 18.85 12.41 -6.15
N ALA A 174 18.43 12.04 -4.95
CA ALA A 174 18.43 12.96 -3.81
C ALA A 174 19.87 13.29 -3.40
N PRO A 175 20.08 14.44 -2.74
CA PRO A 175 19.11 15.48 -2.40
C PRO A 175 18.93 16.54 -3.49
N LYS A 176 19.70 16.45 -4.58
CA LYS A 176 19.60 17.47 -5.62
C LYS A 176 18.23 17.46 -6.28
N THR A 177 17.69 16.26 -6.56
CA THR A 177 16.46 16.10 -7.32
C THR A 177 15.46 15.29 -6.51
N ARG A 178 14.20 15.74 -6.47
CA ARG A 178 13.11 14.94 -5.92
C ARG A 178 12.40 14.21 -7.06
N VAL A 179 12.00 12.97 -6.80
CA VAL A 179 11.34 12.12 -7.80
C VAL A 179 10.03 11.64 -7.20
N ASN A 180 8.92 11.98 -7.84
CA ASN A 180 7.59 11.65 -7.36
C ASN A 180 6.74 11.23 -8.54
N GLY A 181 5.49 10.84 -8.28
CA GLY A 181 4.60 10.46 -9.37
C GLY A 181 3.20 10.93 -9.09
N VAL A 182 2.39 10.94 -10.14
CA VAL A 182 0.95 11.19 -10.04
C VAL A 182 0.24 10.01 -10.70
N SER A 183 -0.79 9.49 -10.04
CA SER A 183 -1.54 8.34 -10.54
C SER A 183 -2.97 8.80 -10.87
N PRO A 184 -3.25 9.18 -12.12
CA PRO A 184 -4.59 9.68 -12.45
C PRO A 184 -5.63 8.56 -12.43
N GLY A 185 -6.86 8.94 -12.06
CA GLY A 185 -8.00 8.07 -12.17
C GLY A 185 -8.63 8.19 -13.54
N ILE A 186 -9.95 8.38 -13.63
CA ILE A 186 -10.66 8.46 -14.90
C ILE A 186 -10.74 9.93 -15.31
N ILE A 187 -10.01 10.30 -16.36
CA ILE A 187 -9.85 11.68 -16.78
C ILE A 187 -10.55 11.87 -18.10
N GLU A 188 -11.35 12.94 -18.20
CA GLU A 188 -11.99 13.28 -19.47
C GLU A 188 -10.92 13.86 -20.39
N THR A 189 -10.37 13.04 -21.28
CA THR A 189 -9.24 13.47 -22.12
C THR A 189 -8.99 12.53 -23.31
N THR A 198 -20.88 4.15 -23.62
CA THR A 198 -20.15 4.58 -22.44
C THR A 198 -20.25 3.60 -21.29
N ARG A 199 -19.60 3.99 -20.20
CA ARG A 199 -19.66 3.40 -18.88
C ARG A 199 -19.77 4.52 -17.86
N MET A 200 -20.30 5.67 -18.30
CA MET A 200 -20.34 6.87 -17.49
C MET A 200 -21.14 6.67 -16.21
N ASP A 201 -22.32 6.05 -16.32
CA ASP A 201 -23.13 5.78 -15.15
C ASP A 201 -22.37 4.93 -14.15
N GLU A 202 -21.68 3.88 -14.63
CA GLU A 202 -20.87 3.07 -13.74
C GLU A 202 -19.76 3.89 -13.10
N THR A 203 -19.08 4.74 -13.87
CA THR A 203 -17.97 5.52 -13.34
C THR A 203 -18.43 6.52 -12.29
N MET A 204 -19.57 7.19 -12.55
CA MET A 204 -20.09 8.15 -11.58
C MET A 204 -20.49 7.47 -10.28
N THR A 205 -21.09 6.28 -10.39
CA THR A 205 -21.48 5.52 -9.21
C THR A 205 -20.28 5.18 -8.34
N GLN A 206 -19.17 4.79 -8.96
CA GLN A 206 -18.00 4.44 -8.18
C GLN A 206 -17.19 5.65 -7.71
N THR A 207 -17.44 6.85 -8.24
CA THR A 207 -16.58 7.99 -7.91
C THR A 207 -17.23 8.85 -6.84
N PRO A 208 -16.64 8.96 -5.64
CA PRO A 208 -17.20 9.83 -4.60
C PRO A 208 -17.48 11.24 -5.08
N LEU A 209 -16.54 11.87 -5.81
CA LEU A 209 -16.78 13.21 -6.33
C LEU A 209 -17.77 13.25 -7.48
N LYS A 210 -18.25 12.11 -7.96
CA LYS A 210 -19.39 12.05 -8.90
C LYS A 210 -19.11 12.80 -10.20
N ARG A 211 -17.86 12.75 -10.66
CA ARG A 211 -17.55 13.32 -11.96
C ARG A 211 -16.25 12.72 -12.46
N LEU A 212 -15.99 12.94 -13.74
CA LEU A 212 -14.71 12.59 -14.35
C LEU A 212 -13.69 13.63 -13.91
N GLY A 213 -12.42 13.22 -13.91
CA GLY A 213 -11.36 14.18 -13.67
C GLY A 213 -11.06 15.02 -14.89
N LYS A 214 -10.57 16.30 -14.63
CA LYS A 214 -10.11 17.19 -15.70
C LYS A 214 -8.61 17.09 -15.84
N PRO A 215 -8.07 17.17 -17.06
CA PRO A 215 -6.60 17.16 -17.21
C PRO A 215 -5.91 18.23 -16.38
N SER A 216 -6.56 19.38 -16.20
CA SER A 216 -5.97 20.44 -15.41
C SER A 216 -5.79 20.01 -13.96
N GLU A 217 -6.61 19.06 -13.50
CA GLU A 217 -6.48 18.56 -12.13
C GLU A 217 -5.35 17.56 -11.97
N ILE A 218 -4.83 17.02 -13.07
CA ILE A 218 -3.58 16.27 -12.99
C ILE A 218 -2.40 17.23 -13.00
N ALA A 219 -2.45 18.23 -13.88
CA ALA A 219 -1.37 19.20 -14.01
C ALA A 219 -1.12 19.95 -12.70
N SER A 220 -2.20 20.29 -11.97
CA SER A 220 -2.00 21.07 -10.74
C SER A 220 -1.31 20.24 -9.65
N VAL A 221 -1.51 18.92 -9.64
CA VAL A 221 -0.82 18.10 -8.65
C VAL A 221 0.65 17.93 -9.05
N ILE A 222 0.91 17.78 -10.35
CA ILE A 222 2.30 17.74 -10.83
C ILE A 222 3.01 19.05 -10.47
N ALA A 223 2.35 20.18 -10.71
CA ALA A 223 2.94 21.47 -10.36
C ALA A 223 3.23 21.56 -8.88
N PHE A 224 2.28 21.11 -8.04
CA PHE A 224 2.51 21.05 -6.60
C PHE A 224 3.79 20.29 -6.28
N LEU A 225 3.93 19.10 -6.87
CA LEU A 225 5.11 18.27 -6.60
C LEU A 225 6.41 18.95 -7.07
N CYS A 226 6.35 19.75 -8.12
CA CYS A 226 7.52 20.49 -8.59
C CYS A 226 7.83 21.72 -7.73
N SER A 227 6.88 22.18 -6.94
CA SER A 227 6.96 23.43 -6.20
C SER A 227 7.62 23.25 -4.84
N PRO A 228 8.04 24.37 -4.21
CA PRO A 228 8.54 24.29 -2.83
C PRO A 228 7.53 23.78 -1.83
N ALA A 229 6.22 23.82 -2.14
CA ALA A 229 5.24 23.25 -1.23
C ALA A 229 5.49 21.77 -1.01
N ALA A 230 6.15 21.10 -1.95
CA ALA A 230 6.46 19.68 -1.83
C ALA A 230 7.94 19.43 -1.48
N SER A 231 8.61 20.41 -0.88
CA SER A 231 10.06 20.30 -0.71
C SER A 231 10.46 19.14 0.19
N PHE A 232 9.57 18.61 1.04
CA PHE A 232 9.96 17.43 1.82
C PHE A 232 9.27 16.14 1.34
N VAL A 233 8.75 16.14 0.11
CA VAL A 233 8.10 14.97 -0.49
C VAL A 233 9.02 14.39 -1.57
N THR A 234 9.46 13.15 -1.39
CA THR A 234 10.15 12.47 -2.48
C THR A 234 9.89 10.97 -2.40
N GLY A 235 9.90 10.33 -3.57
CA GLY A 235 9.59 8.91 -3.68
C GLY A 235 8.12 8.59 -3.77
N GLU A 236 7.26 9.60 -3.72
CA GLU A 236 5.83 9.43 -3.45
C GLU A 236 5.01 9.53 -4.73
N THR A 237 4.03 8.63 -4.90
CA THR A 237 3.06 8.71 -5.99
C THR A 237 1.70 9.06 -5.41
N ILE A 238 1.08 10.14 -5.90
CA ILE A 238 -0.16 10.66 -5.32
C ILE A 238 -1.34 10.21 -6.17
N GLN A 239 -2.38 9.65 -5.55
CA GLN A 239 -3.57 9.26 -6.28
C GLN A 239 -4.41 10.50 -6.56
N VAL A 240 -4.81 10.69 -7.81
CA VAL A 240 -5.65 11.83 -8.22
C VAL A 240 -6.83 11.23 -8.98
N ASN A 241 -7.82 10.71 -8.24
CA ASN A 241 -8.83 9.90 -8.90
C ASN A 241 -10.23 10.16 -8.37
N GLY A 242 -10.46 11.26 -7.66
CA GLY A 242 -11.80 11.57 -7.19
C GLY A 242 -12.31 10.57 -6.16
N GLY A 243 -11.43 9.77 -5.60
CA GLY A 243 -11.84 8.77 -4.63
C GLY A 243 -12.32 7.48 -5.24
N ILE A 244 -12.20 7.30 -6.57
CA ILE A 244 -12.69 6.08 -7.19
C ILE A 244 -11.94 4.87 -6.67
N TYR A 245 -10.72 5.05 -6.17
CA TYR A 245 -9.92 3.96 -5.64
C TYR A 245 -9.00 4.53 -4.58
N MET A 246 -8.90 3.83 -3.46
CA MET A 246 -8.09 4.25 -2.32
C MET A 246 -6.86 3.37 -2.25
N ALA A 247 -5.69 3.97 -2.32
CA ALA A 247 -4.46 3.18 -2.28
C ALA A 247 -3.56 3.69 -1.18
N MET B 3 3.82 27.08 -2.63
CA MET B 3 3.61 28.19 -3.57
C MET B 3 2.87 29.33 -2.88
N LYS B 4 1.77 29.78 -3.48
CA LYS B 4 1.00 30.90 -2.94
C LYS B 4 -0.46 30.50 -2.87
N PHE B 5 -1.03 30.58 -1.67
CA PHE B 5 -2.42 30.18 -1.45
C PHE B 5 -3.28 31.41 -1.24
N GLU B 6 -4.48 31.36 -1.79
CA GLU B 6 -5.46 32.44 -1.73
C GLU B 6 -6.62 31.90 -0.91
N PHE B 7 -6.54 32.08 0.42
CA PHE B 7 -7.57 31.58 1.33
C PHE B 7 -8.39 32.72 1.94
N GLU B 8 -8.45 33.87 1.28
CA GLU B 8 -9.22 35.01 1.80
C GLU B 8 -10.67 34.62 2.03
N ASN B 9 -11.23 35.05 3.17
CA ASN B 9 -12.63 34.79 3.54
C ASN B 9 -12.96 33.30 3.67
N ARG B 10 -11.96 32.45 3.80
CA ARG B 10 -12.17 31.04 4.08
C ARG B 10 -11.62 30.71 5.46
N THR B 11 -12.27 29.78 6.15
CA THR B 11 -12.06 29.62 7.60
C THR B 11 -11.46 28.27 7.93
N LEU B 12 -10.34 28.30 8.65
CA LEU B 12 -9.64 27.12 9.15
C LEU B 12 -9.96 26.92 10.63
N VAL B 13 -10.37 25.71 10.97
CA VAL B 13 -10.49 25.25 12.35
C VAL B 13 -9.36 24.26 12.58
N LEU B 14 -8.53 24.56 13.58
CA LEU B 14 -7.30 23.80 13.83
C LEU B 14 -7.20 23.48 15.31
N THR B 15 -7.18 22.20 15.66
CA THR B 15 -6.94 21.82 17.05
C THR B 15 -5.45 21.61 17.28
N GLY B 16 -5.06 21.63 18.56
CA GLY B 16 -3.64 21.56 18.90
C GLY B 16 -2.81 22.65 18.25
N ALA B 17 -3.39 23.85 18.08
CA ALA B 17 -2.79 24.89 17.26
C ALA B 17 -1.49 25.45 17.83
N ASN B 18 -1.18 25.18 19.10
CA ASN B 18 0.06 25.71 19.69
C ASN B 18 1.25 24.78 19.51
N GLY B 19 1.05 23.60 18.90
CA GLY B 19 2.14 22.67 18.69
C GLY B 19 3.07 23.09 17.56
N GLY B 20 4.12 22.31 17.36
CA GLY B 20 5.10 22.58 16.32
C GLY B 20 4.46 22.60 14.94
N ILE B 21 3.83 21.49 14.55
CA ILE B 21 3.16 21.47 13.26
C ILE B 21 1.93 22.38 13.29
N GLY B 22 1.22 22.40 14.42
CA GLY B 22 0.04 23.25 14.52
C GLY B 22 0.33 24.70 14.25
N ARG B 23 1.41 25.24 14.84
CA ARG B 23 1.75 26.65 14.61
C ARG B 23 2.10 26.90 13.16
N ALA B 24 2.83 25.97 12.54
CA ALA B 24 3.17 26.12 11.13
C ALA B 24 1.93 26.21 10.27
N ILE B 25 0.91 25.40 10.57
CA ILE B 25 -0.34 25.43 9.82
C ILE B 25 -1.04 26.77 9.99
N ALA B 26 -1.27 27.17 11.24
CA ALA B 26 -1.90 28.46 11.51
C ALA B 26 -1.16 29.59 10.82
N GLU B 27 0.17 29.57 10.90
CA GLU B 27 0.99 30.61 10.29
C GLU B 27 0.74 30.70 8.79
N LEU B 28 0.75 29.55 8.09
CA LEU B 28 0.61 29.58 6.64
C LEU B 28 -0.78 30.02 6.22
N PHE B 29 -1.81 29.44 6.84
CA PHE B 29 -3.18 29.79 6.49
C PHE B 29 -3.46 31.25 6.80
N HIS B 30 -2.98 31.73 7.95
CA HIS B 30 -3.12 33.14 8.29
C HIS B 30 -2.42 34.04 7.28
N ALA B 31 -1.18 33.71 6.92
CA ALA B 31 -0.50 34.47 5.87
C ALA B 31 -1.25 34.41 4.55
N SER B 32 -2.07 33.40 4.35
CA SER B 32 -2.82 33.20 3.12
C SER B 32 -4.17 33.92 3.15
N GLY B 33 -4.43 34.71 4.18
CA GLY B 33 -5.67 35.48 4.25
C GLY B 33 -6.83 34.76 4.91
N ALA B 34 -6.62 33.57 5.45
CA ALA B 34 -7.71 32.80 6.02
C ALA B 34 -8.14 33.36 7.37
N ASN B 35 -9.36 33.01 7.77
CA ASN B 35 -9.84 33.16 9.15
C ASN B 35 -9.41 31.91 9.92
N LEU B 36 -9.03 32.09 11.18
CA LEU B 36 -8.54 31.00 12.01
C LEU B 36 -9.39 30.86 13.26
N VAL B 37 -9.82 29.65 13.54
CA VAL B 37 -10.37 29.24 14.82
C VAL B 37 -9.36 28.24 15.39
N LEU B 38 -8.58 28.68 16.38
CA LEU B 38 -7.49 27.89 16.94
C LEU B 38 -7.89 27.37 18.31
N THR B 39 -7.65 26.09 18.56
CA THR B 39 -7.84 25.53 19.88
C THR B 39 -6.56 24.85 20.34
N ASP B 40 -6.40 24.77 21.65
CA ASP B 40 -5.29 24.06 22.27
C ASP B 40 -5.63 23.90 23.73
N LEU B 41 -4.98 22.91 24.35
CA LEU B 41 -5.14 22.71 25.78
C LEU B 41 -4.46 23.82 26.56
N ASP B 42 -3.45 24.46 25.96
CA ASP B 42 -2.71 25.56 26.57
C ASP B 42 -3.26 26.86 25.99
N ARG B 43 -4.28 27.43 26.65
CA ARG B 43 -4.85 28.68 26.21
C ARG B 43 -3.82 29.81 26.25
N GLU B 44 -3.06 29.91 27.34
CA GLU B 44 -2.12 31.01 27.50
C GLU B 44 -1.04 30.97 26.42
N GLY B 45 -0.43 29.80 26.21
CA GLY B 45 0.57 29.68 25.16
C GLY B 45 -0.03 30.02 23.80
N LEU B 46 -1.22 29.48 23.52
CA LEU B 46 -1.89 29.73 22.25
C LEU B 46 -2.18 31.21 22.04
N ASP B 47 -2.74 31.88 23.05
CA ASP B 47 -3.09 33.29 22.89
C ASP B 47 -1.86 34.16 22.61
N ALA B 48 -0.74 33.87 23.28
CA ALA B 48 0.48 34.59 22.96
C ALA B 48 0.88 34.38 21.50
N PHE B 49 0.83 33.13 21.03
CA PHE B 49 1.14 32.85 19.64
C PHE B 49 0.18 33.55 18.70
N ALA B 50 -1.12 33.46 18.98
CA ALA B 50 -2.10 34.09 18.10
C ALA B 50 -1.88 35.60 18.03
N ALA B 51 -1.47 36.21 19.14
CA ALA B 51 -1.18 37.63 19.15
C ALA B 51 -0.04 37.96 18.19
N SER B 52 0.98 37.11 18.16
CA SER B 52 2.14 37.35 17.29
C SER B 52 1.77 37.40 15.82
N LEU B 53 0.72 36.68 15.40
CA LEU B 53 0.29 36.73 13.99
C LEU B 53 -0.34 38.06 13.63
N GLY B 54 -0.90 38.75 14.62
CA GLY B 54 -1.49 40.08 14.47
C GLY B 54 -2.45 40.38 13.33
N SER B 55 -3.56 39.65 13.25
CA SER B 55 -4.75 40.11 12.54
C SER B 55 -5.96 39.63 13.34
N PRO B 56 -6.17 40.21 14.53
CA PRO B 56 -7.08 39.58 15.50
C PRO B 56 -8.50 39.43 14.99
N GLU B 57 -8.94 40.31 14.08
CA GLU B 57 -10.24 40.16 13.45
C GLU B 57 -10.35 38.85 12.68
N ARG B 58 -9.23 38.30 12.21
CA ARG B 58 -9.25 37.04 11.46
C ARG B 58 -8.87 35.84 12.32
N ILE B 59 -8.68 36.04 13.62
CA ILE B 59 -8.24 34.96 14.50
C ILE B 59 -9.19 34.88 15.69
N ALA B 60 -9.61 33.66 16.01
CA ALA B 60 -10.36 33.37 17.22
C ALA B 60 -9.72 32.18 17.90
N THR B 61 -9.56 32.26 19.22
CA THR B 61 -8.96 31.18 19.99
C THR B 61 -9.91 30.73 21.08
N ILE B 62 -9.73 29.49 21.52
CA ILE B 62 -10.55 28.92 22.57
C ILE B 62 -9.78 27.78 23.21
N LYS B 63 -9.93 27.63 24.53
CA LYS B 63 -9.38 26.46 25.21
C LYS B 63 -10.28 25.26 24.96
N ALA B 64 -9.71 24.19 24.42
CA ALA B 64 -10.50 23.01 24.08
C ALA B 64 -9.66 21.76 24.30
N ASP B 65 -10.24 20.77 24.98
CA ASP B 65 -9.61 19.47 25.11
C ASP B 65 -10.07 18.63 23.92
N ALA B 66 -9.11 18.18 23.11
CA ALA B 66 -9.46 17.43 21.91
C ALA B 66 -10.30 16.19 22.24
N SER B 67 -10.13 15.62 23.43
CA SER B 67 -10.88 14.44 23.84
C SER B 67 -12.28 14.74 24.34
N SER B 68 -12.69 16.00 24.43
CA SER B 68 -14.01 16.39 24.96
C SER B 68 -14.98 16.71 23.83
N ALA B 69 -16.07 15.94 23.75
CA ALA B 69 -17.09 16.22 22.75
C ALA B 69 -17.75 17.59 22.97
N ASP B 70 -17.84 18.03 24.22
CA ASP B 70 -18.43 19.34 24.47
C ASP B 70 -17.55 20.45 23.89
N ASP B 71 -16.23 20.34 24.06
CA ASP B 71 -15.34 21.34 23.48
C ASP B 71 -15.38 21.33 21.97
N ALA B 72 -15.58 20.16 21.35
CA ALA B 72 -15.78 20.12 19.90
C ALA B 72 -17.00 20.93 19.49
N GLU B 73 -18.10 20.78 20.22
CA GLU B 73 -19.29 21.57 19.93
C GLU B 73 -19.01 23.06 20.09
N LYS B 74 -18.32 23.45 21.17
CA LYS B 74 -17.97 24.86 21.37
C LYS B 74 -17.05 25.36 20.26
N THR B 75 -16.14 24.51 19.79
CA THR B 75 -15.23 24.93 18.74
C THR B 75 -15.99 25.24 17.46
N VAL B 76 -16.93 24.35 17.08
CA VAL B 76 -17.73 24.58 15.87
C VAL B 76 -18.63 25.80 16.04
N ALA B 77 -19.27 25.95 17.20
CA ALA B 77 -20.13 27.11 17.42
C ALA B 77 -19.32 28.40 17.30
N LEU B 78 -18.07 28.39 17.79
CA LEU B 78 -17.24 29.58 17.68
C LEU B 78 -16.96 29.92 16.22
N ALA B 79 -16.63 28.90 15.41
CA ALA B 79 -16.44 29.12 13.98
C ALA B 79 -17.72 29.65 13.33
N MET B 80 -18.87 29.10 13.70
CA MET B 80 -20.13 29.61 13.19
C MET B 80 -20.34 31.05 13.62
N GLU B 81 -20.12 31.34 14.91
CA GLU B 81 -20.43 32.67 15.44
C GLU B 81 -19.53 33.74 14.83
N ARG B 82 -18.22 33.48 14.76
CA ARG B 82 -17.29 34.51 14.28
C ARG B 82 -17.25 34.59 12.76
N PHE B 83 -17.31 33.45 12.07
CA PHE B 83 -17.09 33.44 10.63
C PHE B 83 -18.17 32.73 9.82
N GLY B 84 -19.19 32.15 10.46
CA GLY B 84 -20.32 31.60 9.74
C GLY B 84 -20.13 30.23 9.13
N GLY B 85 -18.99 29.59 9.31
CA GLY B 85 -18.83 28.26 8.76
C GLY B 85 -17.38 27.83 8.74
N ILE B 86 -17.16 26.65 8.17
CA ILE B 86 -15.85 26.02 8.18
C ILE B 86 -15.47 25.62 6.75
N ASP B 87 -14.32 26.10 6.28
CA ASP B 87 -13.76 25.71 4.98
C ASP B 87 -12.72 24.61 5.11
N PHE B 88 -11.89 24.68 6.15
CA PHE B 88 -10.83 23.72 6.36
C PHE B 88 -10.89 23.25 7.81
N LEU B 89 -10.96 21.93 8.00
CA LEU B 89 -10.99 21.31 9.31
C LEU B 89 -9.74 20.45 9.46
N VAL B 90 -8.87 20.79 10.40
CA VAL B 90 -7.60 20.09 10.59
C VAL B 90 -7.51 19.63 12.04
N PRO B 91 -7.89 18.32 12.33
CA PRO B 91 -7.78 17.77 13.69
C PRO B 91 -6.34 17.33 13.96
N SER B 92 -5.51 18.32 14.25
CA SER B 92 -4.09 18.12 14.42
C SER B 92 -3.69 17.70 15.83
N ALA B 93 -4.49 18.03 16.85
CA ALA B 93 -4.09 17.72 18.23
C ALA B 93 -3.82 16.23 18.40
N GLY B 94 -2.68 15.92 19.01
CA GLY B 94 -2.33 14.54 19.28
C GLY B 94 -1.18 14.47 20.27
N ILE B 95 -1.05 13.31 20.91
CA ILE B 95 0.06 13.03 21.81
C ILE B 95 0.87 11.86 21.30
N TYR B 96 2.18 11.91 21.55
CA TYR B 96 3.11 10.88 21.10
C TYR B 96 3.89 10.47 22.34
N GLN B 97 3.52 9.33 22.91
CA GLN B 97 4.12 8.84 24.14
C GLN B 97 5.01 7.66 23.81
N ALA B 98 6.25 7.70 24.27
CA ALA B 98 7.12 6.54 24.16
C ALA B 98 6.77 5.59 25.30
N LYS B 99 6.30 4.39 24.96
CA LYS B 99 5.83 3.44 25.96
C LYS B 99 5.99 2.02 25.43
N PRO B 100 7.07 1.33 25.79
CA PRO B 100 7.21 -0.09 25.44
C PRO B 100 5.94 -0.87 25.81
N PHE B 101 5.54 -1.76 24.91
CA PHE B 101 4.24 -2.42 25.02
C PHE B 101 4.10 -3.22 26.30
N ALA B 102 5.18 -3.87 26.74
CA ALA B 102 5.10 -4.63 27.98
C ALA B 102 4.84 -3.74 29.20
N GLU B 103 5.13 -2.44 29.12
CA GLU B 103 4.93 -1.50 30.22
C GLU B 103 3.68 -0.65 30.07
N MET B 104 2.90 -0.85 29.01
CA MET B 104 1.81 0.05 28.68
C MET B 104 0.62 -0.21 29.58
N SER B 105 0.21 0.80 30.35
CA SER B 105 -0.95 0.66 31.23
C SER B 105 -2.24 0.84 30.44
N ASP B 106 -3.34 0.35 31.02
CA ASP B 106 -4.65 0.61 30.42
C ASP B 106 -4.88 2.12 30.29
N ALA B 107 -4.43 2.89 31.28
CA ALA B 107 -4.55 4.34 31.21
C ALA B 107 -3.71 4.91 30.06
N ASP B 108 -2.49 4.40 29.89
CA ASP B 108 -1.68 4.82 28.74
C ASP B 108 -2.46 4.64 27.45
N TRP B 109 -3.06 3.46 27.29
CA TRP B 109 -3.74 3.16 26.03
C TRP B 109 -4.91 4.11 25.80
N HIS B 110 -5.80 4.22 26.78
CA HIS B 110 -7.01 5.02 26.62
C HIS B 110 -6.70 6.49 26.37
N ARG B 111 -5.69 7.03 27.05
CA ARG B 111 -5.38 8.45 26.84
C ARG B 111 -4.98 8.73 25.40
N THR B 112 -4.19 7.84 24.79
CA THR B 112 -3.79 8.08 23.42
C THR B 112 -4.95 7.87 22.45
N ILE B 113 -5.77 6.85 22.68
CA ILE B 113 -6.92 6.65 21.80
C ILE B 113 -7.89 7.82 21.95
N SER B 114 -8.10 8.29 23.18
CA SER B 114 -9.10 9.33 23.42
CA SER B 114 -9.10 9.33 23.42
C SER B 114 -8.74 10.63 22.68
N ILE B 115 -7.48 11.06 22.78
CA ILE B 115 -7.06 12.29 22.13
C ILE B 115 -6.88 12.11 20.63
N ASN B 116 -6.13 11.09 20.22
CA ASN B 116 -5.75 10.96 18.81
C ASN B 116 -6.85 10.38 17.93
N LEU B 117 -7.85 9.72 18.51
CA LEU B 117 -8.86 9.06 17.67
C LEU B 117 -10.28 9.51 18.02
N ASP B 118 -10.73 9.29 19.26
CA ASP B 118 -12.06 9.76 19.63
C ASP B 118 -12.20 11.25 19.34
N GLY B 119 -11.17 12.04 19.68
CA GLY B 119 -11.26 13.47 19.46
C GLY B 119 -11.45 13.82 18.00
N VAL B 120 -10.82 13.08 17.11
CA VAL B 120 -11.02 13.34 15.69
C VAL B 120 -12.46 13.05 15.29
N PHE B 121 -13.03 11.95 15.80
CA PHE B 121 -14.44 11.70 15.60
C PHE B 121 -15.30 12.88 16.09
N TYR B 122 -15.04 13.35 17.32
CA TYR B 122 -15.88 14.42 17.86
C TYR B 122 -15.85 15.66 16.98
N LEU B 123 -14.66 16.08 16.57
CA LEU B 123 -14.58 17.32 15.80
C LEU B 123 -15.23 17.15 14.43
N CYS B 124 -14.94 16.05 13.75
CA CYS B 124 -15.50 15.84 12.42
C CYS B 124 -17.02 15.79 12.46
N LYS B 125 -17.56 15.05 13.44
CA LYS B 125 -19.01 14.88 13.54
C LYS B 125 -19.71 16.20 13.85
N ARG B 126 -19.21 16.93 14.84
CA ARG B 126 -19.83 18.21 15.20
C ARG B 126 -19.64 19.24 14.09
N ALA B 127 -18.62 19.09 13.26
CA ALA B 127 -18.36 20.08 12.23
C ALA B 127 -19.28 19.96 11.03
N LEU B 128 -19.90 18.78 10.83
CA LEU B 128 -20.70 18.52 9.62
C LEU B 128 -21.65 19.65 9.27
N PRO B 129 -22.49 20.15 10.19
CA PRO B 129 -23.44 21.21 9.79
C PRO B 129 -22.75 22.49 9.37
N ALA B 130 -21.51 22.71 9.79
CA ALA B 130 -20.81 23.96 9.53
C ALA B 130 -19.94 23.91 8.27
N LEU B 131 -19.75 22.74 7.67
CA LEU B 131 -18.86 22.64 6.51
C LEU B 131 -19.48 23.35 5.31
N LYS B 132 -18.66 24.13 4.61
CA LYS B 132 -19.12 24.88 3.45
C LYS B 132 -18.89 24.09 2.17
N GLU B 133 -19.38 24.64 1.07
CA GLU B 133 -19.04 24.09 -0.24
C GLU B 133 -17.53 24.17 -0.48
N ASP B 134 -16.99 23.14 -1.14
CA ASP B 134 -15.57 23.04 -1.49
C ASP B 134 -14.68 22.94 -0.25
N SER B 135 -15.21 22.42 0.85
CA SER B 135 -14.40 22.37 2.06
C SER B 135 -13.48 21.15 2.07
N SER B 136 -12.57 21.13 3.03
CA SER B 136 -11.60 20.05 3.18
C SER B 136 -11.50 19.65 4.64
N ILE B 137 -11.37 18.35 4.89
CA ILE B 137 -10.84 17.84 6.14
C ILE B 137 -9.46 17.27 5.83
N VAL B 138 -8.47 17.62 6.65
CA VAL B 138 -7.14 17.04 6.47
C VAL B 138 -6.72 16.46 7.82
N THR B 139 -6.55 15.15 7.87
CA THR B 139 -6.10 14.43 9.05
C THR B 139 -4.57 14.37 9.08
N LEU B 140 -4.05 14.13 10.26
CA LEU B 140 -2.62 13.97 10.47
C LEU B 140 -2.36 12.52 10.81
N ALA B 141 -1.74 11.78 9.90
CA ALA B 141 -1.33 10.41 10.17
C ALA B 141 0.10 10.47 10.69
N SER B 142 0.93 9.50 10.37
CA SER B 142 2.33 9.49 10.80
C SER B 142 3.07 8.38 10.11
N LEU B 143 4.38 8.61 9.90
CA LEU B 143 5.28 7.56 9.48
C LEU B 143 5.07 6.29 10.28
N ALA B 144 4.80 6.42 11.59
CA ALA B 144 4.62 5.23 12.43
C ALA B 144 3.48 4.35 11.93
N ALA B 145 2.46 4.92 11.29
CA ALA B 145 1.34 4.11 10.81
C ALA B 145 1.79 3.14 9.75
N TYR B 146 2.80 3.53 8.97
CA TYR B 146 3.24 2.76 7.84
C TYR B 146 4.46 1.91 8.16
N ARG B 147 5.43 2.49 8.86
CA ARG B 147 6.66 1.78 9.18
C ARG B 147 6.49 0.83 10.35
N GLY B 148 5.47 1.07 11.20
CA GLY B 148 5.30 0.33 12.44
C GLY B 148 6.03 1.01 13.57
N ALA B 149 5.32 1.46 14.60
CA ALA B 149 5.97 2.17 15.70
C ALA B 149 6.94 1.27 16.43
N TYR B 150 8.03 1.85 16.94
CA TYR B 150 9.02 1.05 17.65
C TYR B 150 8.64 0.84 19.11
N VAL B 151 8.11 1.88 19.78
CA VAL B 151 7.72 1.77 21.20
C VAL B 151 6.49 2.62 21.46
N ASN B 152 5.50 2.53 20.58
CA ASN B 152 4.30 3.36 20.67
C ASN B 152 3.16 2.67 19.93
N ALA B 153 2.78 1.47 20.38
CA ALA B 153 1.75 0.72 19.66
C ALA B 153 0.41 1.44 19.68
N HIS B 154 0.10 2.15 20.76
CA HIS B 154 -1.16 2.91 20.79
C HIS B 154 -1.11 4.05 19.79
N TYR B 155 0.01 4.77 19.72
CA TYR B 155 0.17 5.83 18.74
C TYR B 155 0.01 5.29 17.31
N GLY B 156 0.72 4.21 16.98
CA GLY B 156 0.60 3.65 15.65
C GLY B 156 -0.83 3.26 15.31
N ALA B 157 -1.52 2.62 16.25
CA ALA B 157 -2.91 2.27 16.05
C ALA B 157 -3.75 3.49 15.68
N THR B 158 -3.60 4.59 16.44
CA THR B 158 -4.44 5.76 16.14
C THR B 158 -4.10 6.34 14.77
N LYS B 159 -2.83 6.29 14.36
CA LYS B 159 -2.45 6.84 13.06
C LYS B 159 -2.82 5.91 11.89
N GLY B 160 -2.84 4.59 12.09
CA GLY B 160 -3.47 3.73 11.09
C GLY B 160 -4.97 3.99 10.99
N ALA B 161 -5.61 4.22 12.13
CA ALA B 161 -7.02 4.58 12.12
C ALA B 161 -7.28 5.87 11.33
N MET B 162 -6.40 6.87 11.45
CA MET B 162 -6.58 8.08 10.65
C MET B 162 -6.63 7.75 9.15
N VAL B 163 -5.74 6.88 8.68
CA VAL B 163 -5.68 6.63 7.24
C VAL B 163 -6.98 6.00 6.75
N SER B 164 -7.48 5.00 7.49
CA SER B 164 -8.73 4.34 7.06
C SER B 164 -9.94 5.25 7.32
N MET B 165 -9.91 6.03 8.41
CA MET B 165 -11.04 6.93 8.65
C MET B 165 -11.11 8.02 7.60
N THR B 166 -9.95 8.45 7.11
CA THR B 166 -9.91 9.41 6.01
C THR B 166 -10.59 8.84 4.76
N ARG B 167 -10.30 7.59 4.42
CA ARG B 167 -10.96 6.94 3.28
C ARG B 167 -12.47 6.84 3.48
N ALA B 168 -12.91 6.47 4.69
CA ALA B 168 -14.34 6.34 4.96
C ALA B 168 -15.06 7.68 4.80
N LEU B 169 -14.57 8.73 5.45
CA LEU B 169 -15.23 10.03 5.38
C LEU B 169 -15.15 10.64 3.99
N SER B 170 -14.07 10.41 3.25
CA SER B 170 -14.01 10.87 1.88
CA SER B 170 -14.01 10.89 1.88
C SER B 170 -15.21 10.37 1.07
N ARG B 171 -15.56 9.09 1.25
CA ARG B 171 -16.73 8.54 0.58
C ARG B 171 -18.01 9.18 1.05
N GLU B 172 -18.17 9.35 2.37
CA GLU B 172 -19.47 9.79 2.89
C GLU B 172 -19.70 11.28 2.71
N LEU B 173 -18.65 12.08 2.78
CA LEU B 173 -18.81 13.52 2.74
C LEU B 173 -18.65 14.10 1.35
N ALA B 174 -18.25 13.29 0.38
CA ALA B 174 -18.23 13.72 -0.99
C ALA B 174 -19.65 13.95 -1.49
N PRO B 175 -19.84 14.80 -2.49
CA PRO B 175 -18.85 15.61 -3.19
C PRO B 175 -18.61 16.99 -2.56
N LYS B 176 -19.36 17.33 -1.50
CA LYS B 176 -19.23 18.67 -0.92
C LYS B 176 -17.86 18.87 -0.29
N THR B 177 -17.38 17.87 0.43
CA THR B 177 -16.16 18.00 1.20
C THR B 177 -15.17 16.93 0.75
N ARG B 178 -13.92 17.31 0.53
CA ARG B 178 -12.85 16.34 0.33
C ARG B 178 -12.16 16.07 1.66
N VAL B 179 -11.79 14.80 1.88
CA VAL B 179 -11.16 14.37 3.12
C VAL B 179 -9.86 13.67 2.75
N ASN B 180 -8.74 14.22 3.22
CA ASN B 180 -7.41 13.71 2.88
C ASN B 180 -6.57 13.72 4.14
N GLY B 181 -5.32 13.26 4.02
CA GLY B 181 -4.44 13.25 5.16
C GLY B 181 -3.01 13.53 4.76
N VAL B 182 -2.20 13.86 5.76
CA VAL B 182 -0.75 14.01 5.59
C VAL B 182 -0.06 13.11 6.61
N SER B 183 0.98 12.41 6.18
CA SER B 183 1.74 11.51 7.05
C SER B 183 3.17 12.04 7.21
N PRO B 184 3.46 12.82 8.25
CA PRO B 184 4.81 13.39 8.37
C PRO B 184 5.81 12.32 8.77
N GLY B 185 7.06 12.52 8.32
CA GLY B 185 8.20 11.71 8.73
C GLY B 185 8.87 12.25 9.99
N ILE B 186 10.18 12.43 9.96
CA ILE B 186 10.93 12.94 11.11
C ILE B 186 11.02 14.47 10.98
N ILE B 187 10.35 15.18 11.88
CA ILE B 187 10.20 16.63 11.83
C ILE B 187 10.97 17.24 12.99
N GLU B 188 11.81 18.22 12.71
CA GLU B 188 12.56 18.90 13.77
C GLU B 188 11.68 19.86 14.55
N ARG B 199 21.33 10.40 17.85
CA ARG B 199 20.99 9.48 16.75
C ARG B 199 20.52 10.24 15.49
N MET B 200 20.83 11.53 15.44
CA MET B 200 20.49 12.34 14.28
C MET B 200 21.25 11.86 13.04
N ASP B 201 22.51 11.50 13.23
CA ASP B 201 23.35 11.05 12.12
C ASP B 201 22.75 9.84 11.41
N GLU B 202 22.23 8.87 12.18
CA GLU B 202 21.56 7.72 11.56
C GLU B 202 20.37 8.16 10.72
N THR B 203 19.61 9.13 11.23
CA THR B 203 18.43 9.61 10.51
C THR B 203 18.83 10.27 9.19
N MET B 204 19.90 11.06 9.20
CA MET B 204 20.36 11.73 7.98
C MET B 204 20.79 10.71 6.94
N THR B 205 21.51 9.66 7.37
CA THR B 205 21.94 8.60 6.48
C THR B 205 20.74 7.88 5.88
N GLN B 206 19.70 7.67 6.68
CA GLN B 206 18.52 6.95 6.23
C GLN B 206 17.58 7.82 5.38
N THR B 207 17.76 9.14 5.40
CA THR B 207 16.83 10.05 4.72
C THR B 207 17.45 10.48 3.39
N PRO B 208 16.86 10.13 2.25
CA PRO B 208 17.41 10.58 0.97
C PRO B 208 17.67 12.07 0.91
N LEU B 209 16.74 12.92 1.36
CA LEU B 209 17.00 14.36 1.35
C LEU B 209 17.97 14.80 2.43
N LYS B 210 18.46 13.89 3.28
CA LYS B 210 19.59 14.15 4.18
C LYS B 210 19.32 15.28 5.16
N ARG B 211 18.08 15.41 5.62
CA ARG B 211 17.79 16.40 6.65
C ARG B 211 16.46 16.06 7.28
N LEU B 212 16.21 16.69 8.41
CA LEU B 212 14.92 16.60 9.08
C LEU B 212 13.91 17.47 8.34
N GLY B 213 12.64 17.11 8.45
CA GLY B 213 11.59 17.96 7.89
C GLY B 213 11.32 19.17 8.78
N LYS B 214 10.88 20.28 8.14
CA LYS B 214 10.45 21.43 8.92
C LYS B 214 8.93 21.45 9.05
N PRO B 215 8.41 21.91 10.18
CA PRO B 215 6.95 22.01 10.32
C PRO B 215 6.31 22.75 9.15
N SER B 216 7.00 23.74 8.59
CA SER B 216 6.44 24.46 7.45
C SER B 216 6.24 23.54 6.26
N GLU B 217 7.03 22.45 6.16
CA GLU B 217 6.91 21.53 5.05
C GLU B 217 5.75 20.55 5.21
N ILE B 218 5.23 20.41 6.43
CA ILE B 218 3.96 19.71 6.59
C ILE B 218 2.79 20.65 6.28
N ALA B 219 2.87 21.90 6.76
CA ALA B 219 1.78 22.85 6.56
C ALA B 219 1.52 23.11 5.08
N SER B 220 2.57 23.19 4.27
CA SER B 220 2.39 23.50 2.85
C SER B 220 1.71 22.37 2.11
N VAL B 221 1.87 21.12 2.56
CA VAL B 221 1.15 20.03 1.94
C VAL B 221 -0.31 20.05 2.36
N ILE B 222 -0.58 20.36 3.64
CA ILE B 222 -1.96 20.54 4.09
C ILE B 222 -2.64 21.65 3.29
N ALA B 223 -1.94 22.77 3.07
CA ALA B 223 -2.55 23.84 2.30
C ALA B 223 -2.82 23.39 0.86
N PHE B 224 -1.88 22.68 0.25
CA PHE B 224 -2.13 22.12 -1.09
C PHE B 224 -3.41 21.30 -1.11
N LEU B 225 -3.58 20.39 -0.14
CA LEU B 225 -4.78 19.55 -0.13
C LEU B 225 -6.06 20.36 0.06
N CYS B 226 -5.95 21.49 0.76
CA CYS B 226 -7.11 22.36 0.94
C CYS B 226 -7.41 23.20 -0.28
N SER B 227 -6.44 23.37 -1.18
CA SER B 227 -6.51 24.31 -2.29
C SER B 227 -7.21 23.69 -3.49
N PRO B 228 -7.61 24.51 -4.47
CA PRO B 228 -8.15 23.95 -5.72
C PRO B 228 -7.17 23.08 -6.48
N ALA B 229 -5.87 23.19 -6.20
CA ALA B 229 -4.90 22.33 -6.87
C ALA B 229 -5.16 20.86 -6.58
N ALA B 230 -5.86 20.56 -5.48
CA ALA B 230 -6.16 19.19 -5.11
C ALA B 230 -7.61 18.84 -5.38
N SER B 231 -8.26 19.55 -6.30
CA SER B 231 -9.71 19.45 -6.45
C SER B 231 -10.17 18.06 -6.86
N PHE B 232 -9.29 17.21 -7.44
CA PHE B 232 -9.70 15.84 -7.75
C PHE B 232 -9.04 14.82 -6.82
N VAL B 233 -8.55 15.25 -5.66
CA VAL B 233 -7.88 14.39 -4.68
C VAL B 233 -8.80 14.21 -3.48
N THR B 234 -9.23 12.98 -3.21
CA THR B 234 -9.93 12.72 -1.96
C THR B 234 -9.65 11.31 -1.50
N GLY B 235 -9.64 11.14 -0.18
CA GLY B 235 -9.37 9.84 0.44
C GLY B 235 -7.90 9.55 0.61
N GLU B 236 -7.04 10.47 0.21
CA GLU B 236 -5.62 10.20 -0.02
C GLU B 236 -4.82 10.76 1.15
N THR B 237 -3.87 9.98 1.65
CA THR B 237 -2.92 10.42 2.67
C THR B 237 -1.52 10.46 2.05
N ILE B 238 -0.87 11.62 2.12
CA ILE B 238 0.39 11.86 1.41
C ILE B 238 1.57 11.72 2.38
N GLN B 239 2.59 10.98 1.97
CA GLN B 239 3.79 10.85 2.78
C GLN B 239 4.65 12.09 2.62
N VAL B 240 5.05 12.69 3.75
CA VAL B 240 5.90 13.86 3.73
C VAL B 240 7.08 13.57 4.62
N ASN B 241 8.06 12.83 4.08
CA ASN B 241 9.09 12.32 4.98
C ASN B 241 10.49 12.35 4.39
N GLY B 242 10.73 13.11 3.32
CA GLY B 242 12.07 13.21 2.75
C GLY B 242 12.57 11.92 2.13
N GLY B 243 11.69 10.95 1.91
CA GLY B 243 12.09 9.67 1.38
C GLY B 243 12.55 8.65 2.40
N ILE B 244 12.42 8.93 3.70
CA ILE B 244 12.89 8.00 4.72
C ILE B 244 12.13 6.68 4.65
N TYR B 245 10.92 6.69 4.11
CA TYR B 245 10.09 5.50 4.00
C TYR B 245 9.20 5.66 2.79
N MET B 246 9.07 4.58 2.00
CA MET B 246 8.26 4.60 0.80
C MET B 246 7.00 3.79 1.08
N ALA B 247 5.85 4.44 0.95
CA ALA B 247 4.59 3.74 1.22
C ALA B 247 3.68 3.86 0.02
N MET C 3 6.73 -27.78 7.28
CA MET C 3 5.40 -27.71 6.67
C MET C 3 5.35 -28.57 5.41
N LYS C 4 4.25 -29.32 5.25
CA LYS C 4 4.08 -30.28 4.15
C LYS C 4 2.72 -30.15 3.48
N PHE C 5 2.73 -30.09 2.15
CA PHE C 5 1.59 -29.93 1.27
C PHE C 5 1.32 -31.21 0.47
N GLU C 6 0.08 -31.37 -0.01
CA GLU C 6 -0.34 -32.55 -0.76
C GLU C 6 -0.60 -32.15 -2.22
N PHE C 7 0.44 -32.25 -3.05
CA PHE C 7 0.38 -31.83 -4.45
C PHE C 7 0.45 -32.98 -5.46
N GLU C 8 0.07 -34.20 -5.07
CA GLU C 8 0.16 -35.34 -5.98
C GLU C 8 -0.62 -35.09 -7.27
N ASN C 9 -0.01 -35.48 -8.40
CA ASN C 9 -0.60 -35.37 -9.75
C ASN C 9 -0.85 -33.94 -10.19
N ARG C 10 -0.22 -32.95 -9.57
CA ARG C 10 -0.29 -31.57 -10.01
C ARG C 10 1.09 -31.12 -10.48
N THR C 11 1.11 -30.25 -11.48
CA THR C 11 2.33 -29.98 -12.22
C THR C 11 2.80 -28.54 -12.00
N LEU C 12 4.03 -28.41 -11.52
CA LEU C 12 4.70 -27.13 -11.34
C LEU C 12 5.63 -26.89 -12.52
N VAL C 13 5.50 -25.73 -13.14
CA VAL C 13 6.46 -25.21 -14.09
C VAL C 13 7.20 -24.09 -13.39
N LEU C 14 8.52 -24.21 -13.31
CA LEU C 14 9.38 -23.31 -12.54
C LEU C 14 10.59 -22.94 -13.39
N THR C 15 10.74 -21.65 -13.69
CA THR C 15 11.92 -21.15 -14.38
C THR C 15 12.98 -20.74 -13.35
N GLY C 16 14.22 -20.64 -13.81
CA GLY C 16 15.31 -20.35 -12.89
C GLY C 16 15.42 -21.36 -11.79
N ALA C 17 15.14 -22.63 -12.10
CA ALA C 17 14.98 -23.66 -11.09
C ALA C 17 16.28 -23.99 -10.34
N ASN C 18 17.43 -23.61 -10.88
CA ASN C 18 18.70 -23.90 -10.23
C ASN C 18 19.17 -22.80 -9.29
N GLY C 19 18.46 -21.67 -9.23
CA GLY C 19 18.84 -20.59 -8.36
C GLY C 19 18.55 -20.90 -6.90
N GLY C 20 18.91 -19.95 -6.03
CA GLY C 20 18.74 -20.17 -4.61
C GLY C 20 17.30 -20.45 -4.22
N ILE C 21 16.41 -19.50 -4.50
CA ILE C 21 14.99 -19.68 -4.19
C ILE C 21 14.39 -20.74 -5.11
N GLY C 22 14.82 -20.77 -6.37
CA GLY C 22 14.30 -21.76 -7.31
C GLY C 22 14.45 -23.20 -6.81
N ARG C 23 15.63 -23.53 -6.29
CA ARG C 23 15.86 -24.89 -5.79
C ARG C 23 14.93 -25.22 -4.64
N ALA C 24 14.73 -24.26 -3.73
CA ALA C 24 13.85 -24.44 -2.58
C ALA C 24 12.42 -24.71 -3.02
N ILE C 25 11.95 -23.98 -4.03
CA ILE C 25 10.60 -24.22 -4.56
C ILE C 25 10.49 -25.65 -5.09
N ALA C 26 11.43 -26.04 -5.96
CA ALA C 26 11.40 -27.39 -6.54
C ALA C 26 11.39 -28.48 -5.45
N GLU C 27 12.26 -28.34 -4.43
CA GLU C 27 12.32 -29.34 -3.37
C GLU C 27 10.98 -29.50 -2.67
N LEU C 28 10.35 -28.38 -2.31
CA LEU C 28 9.11 -28.46 -1.53
C LEU C 28 8.00 -29.11 -2.34
N PHE C 29 7.80 -28.65 -3.58
CA PHE C 29 6.71 -29.18 -4.38
C PHE C 29 6.93 -30.65 -4.70
N HIS C 30 8.17 -31.02 -5.03
CA HIS C 30 8.46 -32.42 -5.28
C HIS C 30 8.18 -33.27 -4.04
N ALA C 31 8.68 -32.83 -2.88
CA ALA C 31 8.41 -33.54 -1.64
C ALA C 31 6.92 -33.65 -1.38
N SER C 32 6.15 -32.72 -1.93
CA SER C 32 4.71 -32.67 -1.76
C SER C 32 3.99 -33.50 -2.82
N GLY C 33 4.72 -34.26 -3.63
CA GLY C 33 4.11 -35.15 -4.59
C GLY C 33 3.86 -34.59 -5.97
N ALA C 34 4.29 -33.36 -6.24
CA ALA C 34 3.99 -32.73 -7.52
C ALA C 34 4.87 -33.27 -8.65
N ASN C 35 4.41 -33.05 -9.87
CA ASN C 35 5.24 -33.16 -11.04
C ASN C 35 5.97 -31.84 -11.25
N LEU C 36 7.23 -31.92 -11.68
CA LEU C 36 8.09 -30.76 -11.88
C LEU C 36 8.55 -30.66 -13.33
N VAL C 37 8.34 -29.49 -13.91
CA VAL C 37 8.99 -29.09 -15.15
C VAL C 37 9.92 -27.94 -14.78
N LEU C 38 11.21 -28.22 -14.75
CA LEU C 38 12.22 -27.27 -14.31
C LEU C 38 12.98 -26.72 -15.51
N THR C 39 13.16 -25.40 -15.55
CA THR C 39 13.99 -24.82 -16.60
C THR C 39 15.07 -24.00 -15.94
N ASP C 40 16.17 -23.85 -16.65
CA ASP C 40 17.24 -22.96 -16.20
C ASP C 40 18.16 -22.76 -17.39
N LEU C 41 18.92 -21.67 -17.33
CA LEU C 41 19.94 -21.44 -18.35
C LEU C 41 21.13 -22.34 -18.14
N ASP C 42 21.37 -22.79 -16.90
CA ASP C 42 22.48 -23.66 -16.55
C ASP C 42 21.95 -25.09 -16.40
N ARG C 43 21.88 -25.81 -17.54
CA ARG C 43 21.21 -27.11 -17.55
C ARG C 43 22.01 -28.15 -16.77
N GLU C 44 23.34 -28.12 -16.90
CA GLU C 44 24.17 -29.04 -16.12
C GLU C 44 23.88 -28.90 -14.63
N GLY C 45 23.83 -27.66 -14.13
CA GLY C 45 23.48 -27.46 -12.74
C GLY C 45 22.11 -28.01 -12.40
N LEU C 46 21.12 -27.70 -13.25
CA LEU C 46 19.74 -28.13 -13.02
C LEU C 46 19.62 -29.65 -12.98
N ASP C 47 20.16 -30.33 -13.99
CA ASP C 47 20.05 -31.80 -14.01
C ASP C 47 20.75 -32.43 -12.80
N ALA C 48 21.93 -31.91 -12.44
CA ALA C 48 22.59 -32.42 -11.23
C ALA C 48 21.69 -32.22 -10.02
N PHE C 49 21.09 -31.04 -9.90
CA PHE C 49 20.14 -30.80 -8.82
C PHE C 49 18.92 -31.71 -8.93
N ALA C 50 18.36 -31.83 -10.15
CA ALA C 50 17.14 -32.62 -10.33
C ALA C 50 17.33 -34.08 -9.92
N ALA C 51 18.52 -34.62 -10.16
CA ALA C 51 18.80 -36.01 -9.79
C ALA C 51 18.69 -36.24 -8.28
N SER C 52 19.18 -35.29 -7.48
CA SER C 52 19.22 -35.48 -6.03
C SER C 52 17.83 -35.63 -5.42
N LEU C 53 16.84 -34.90 -5.94
CA LEU C 53 15.48 -35.04 -5.41
C LEU C 53 14.87 -36.36 -5.86
N GLY C 54 15.34 -36.90 -6.98
CA GLY C 54 15.00 -38.18 -7.56
C GLY C 54 13.77 -38.99 -7.19
N SER C 55 12.61 -38.57 -7.67
CA SER C 55 11.60 -39.47 -8.22
C SER C 55 11.56 -39.10 -9.69
N PRO C 56 12.55 -39.55 -10.47
CA PRO C 56 12.83 -38.89 -11.75
C PRO C 56 11.69 -38.92 -12.75
N GLU C 57 10.77 -39.88 -12.64
CA GLU C 57 9.58 -39.89 -13.49
C GLU C 57 8.71 -38.66 -13.28
N ARG C 58 8.80 -37.99 -12.14
CA ARG C 58 8.00 -36.81 -11.83
C ARG C 58 8.75 -35.52 -12.12
N ILE C 59 9.93 -35.60 -12.74
CA ILE C 59 10.75 -34.42 -13.01
C ILE C 59 11.08 -34.40 -14.49
N ALA C 60 10.90 -33.24 -15.11
CA ALA C 60 11.34 -32.98 -16.48
C ALA C 60 12.11 -31.67 -16.46
N THR C 61 13.27 -31.67 -17.10
CA THR C 61 14.09 -30.47 -17.14
C THR C 61 14.31 -30.07 -18.59
N ILE C 62 14.64 -28.81 -18.78
CA ILE C 62 14.89 -28.28 -20.11
C ILE C 62 15.75 -27.06 -19.96
N LYS C 63 16.71 -26.91 -20.86
CA LYS C 63 17.45 -25.66 -20.92
C LYS C 63 16.56 -24.65 -21.64
N ALA C 64 16.26 -23.53 -20.97
CA ALA C 64 15.39 -22.50 -21.52
C ALA C 64 15.83 -21.15 -21.00
N ASP C 65 15.97 -20.19 -21.91
CA ASP C 65 16.30 -18.81 -21.56
C ASP C 65 15.00 -18.06 -21.30
N ALA C 66 14.87 -17.49 -20.11
CA ALA C 66 13.65 -16.76 -19.77
C ALA C 66 13.38 -15.63 -20.76
N SER C 67 14.42 -15.05 -21.34
CA SER C 67 14.22 -13.94 -22.26
C SER C 67 13.74 -14.35 -23.65
N SER C 68 13.61 -15.66 -23.92
CA SER C 68 13.25 -16.20 -25.23
C SER C 68 11.78 -16.62 -25.27
N ALA C 69 11.00 -16.00 -26.17
CA ALA C 69 9.61 -16.45 -26.34
C ALA C 69 9.53 -17.89 -26.82
N ASP C 70 10.50 -18.35 -27.64
CA ASP C 70 10.46 -19.72 -28.14
CA ASP C 70 10.45 -19.72 -28.14
C ASP C 70 10.71 -20.73 -27.02
N ASP C 71 11.61 -20.40 -26.10
CA ASP C 71 11.86 -21.29 -24.97
C ASP C 71 10.65 -21.38 -24.04
N ALA C 72 9.89 -20.30 -23.92
CA ALA C 72 8.65 -20.37 -23.16
C ALA C 72 7.69 -21.37 -23.80
N GLU C 73 7.54 -21.31 -25.13
CA GLU C 73 6.69 -22.29 -25.82
C GLU C 73 7.20 -23.71 -25.63
N LYS C 74 8.52 -23.91 -25.73
CA LYS C 74 9.07 -25.24 -25.52
C LYS C 74 8.82 -25.71 -24.08
N THR C 75 8.88 -24.78 -23.12
CA THR C 75 8.65 -25.17 -21.73
C THR C 75 7.22 -25.65 -21.53
N VAL C 76 6.26 -24.90 -22.07
CA VAL C 76 4.85 -25.28 -21.96
C VAL C 76 4.59 -26.59 -22.71
N ALA C 77 5.18 -26.73 -23.90
CA ALA C 77 5.02 -27.96 -24.68
C ALA C 77 5.54 -29.16 -23.91
N LEU C 78 6.67 -29.00 -23.20
CA LEU C 78 7.18 -30.09 -22.38
C LEU C 78 6.20 -30.43 -21.26
N ALA C 79 5.66 -29.41 -20.58
CA ALA C 79 4.68 -29.68 -19.55
C ALA C 79 3.48 -30.42 -20.12
N MET C 80 3.02 -30.01 -21.30
CA MET C 80 1.91 -30.70 -21.94
C MET C 80 2.26 -32.16 -22.26
N GLU C 81 3.44 -32.38 -22.86
CA GLU C 81 3.81 -33.73 -23.31
C GLU C 81 4.01 -34.68 -22.13
N ARG C 82 4.73 -34.24 -21.09
CA ARG C 82 5.05 -35.15 -19.99
C ARG C 82 3.90 -35.30 -19.01
N PHE C 83 3.19 -34.21 -18.71
CA PHE C 83 2.21 -34.25 -17.63
C PHE C 83 0.83 -33.77 -18.00
N GLY C 84 0.62 -33.35 -19.25
CA GLY C 84 -0.73 -33.05 -19.69
C GLY C 84 -1.28 -31.70 -19.27
N GLY C 85 -0.52 -30.86 -18.57
CA GLY C 85 -1.03 -29.55 -18.22
C GLY C 85 -0.17 -28.90 -17.15
N ILE C 86 -0.62 -27.73 -16.72
CA ILE C 86 0.12 -26.93 -15.75
C ILE C 86 -0.81 -26.55 -14.62
N ASP C 87 -0.44 -26.89 -13.39
CA ASP C 87 -1.19 -26.53 -12.20
C ASP C 87 -0.63 -25.29 -11.51
N PHE C 88 0.69 -25.17 -11.48
CA PHE C 88 1.37 -24.06 -10.80
C PHE C 88 2.41 -23.50 -11.76
N LEU C 89 2.33 -22.19 -12.01
CA LEU C 89 3.26 -21.51 -12.90
C LEU C 89 4.04 -20.51 -12.06
N VAL C 90 5.35 -20.72 -11.95
CA VAL C 90 6.18 -19.85 -11.11
C VAL C 90 7.33 -19.32 -11.94
N PRO C 91 7.22 -18.07 -12.52
CA PRO C 91 8.33 -17.47 -13.28
C PRO C 91 9.36 -16.82 -12.36
N SER C 92 10.23 -17.68 -11.81
CA SER C 92 11.21 -17.29 -10.81
C SER C 92 12.52 -16.76 -11.38
N ALA C 93 12.89 -17.14 -12.60
CA ALA C 93 14.15 -16.68 -13.17
C ALA C 93 14.23 -15.15 -13.18
N GLY C 94 15.38 -14.63 -12.73
CA GLY C 94 15.61 -13.19 -12.70
C GLY C 94 17.07 -12.90 -12.47
N ILE C 95 17.46 -11.66 -12.80
CA ILE C 95 18.82 -11.19 -12.54
C ILE C 95 18.75 -9.96 -11.66
N TYR C 96 19.78 -9.79 -10.84
CA TYR C 96 19.90 -8.67 -9.92
C TYR C 96 21.27 -8.03 -10.11
N GLN C 97 21.31 -6.88 -10.77
CA GLN C 97 22.55 -6.18 -11.07
C GLN C 97 22.65 -4.93 -10.23
N ALA C 98 23.75 -4.77 -9.52
CA ALA C 98 24.03 -3.51 -8.84
C ALA C 98 24.58 -2.54 -9.89
N LYS C 99 23.87 -1.45 -10.13
CA LYS C 99 24.26 -0.51 -11.18
C LYS C 99 23.72 0.87 -10.82
N PRO C 100 24.56 1.74 -10.23
CA PRO C 100 24.13 3.12 -9.98
C PRO C 100 23.55 3.74 -11.25
N PHE C 101 22.46 4.49 -11.08
CA PHE C 101 21.71 4.95 -12.24
C PHE C 101 22.56 5.82 -13.15
N ALA C 102 23.43 6.64 -12.57
CA ALA C 102 24.27 7.51 -13.39
C ALA C 102 25.23 6.70 -14.27
N GLU C 103 25.48 5.44 -13.95
CA GLU C 103 26.36 4.59 -14.74
C GLU C 103 25.62 3.54 -15.57
N MET C 104 24.29 3.52 -15.54
CA MET C 104 23.50 2.44 -16.13
C MET C 104 23.47 2.56 -17.66
N SER C 105 23.98 1.53 -18.34
CA SER C 105 23.96 1.55 -19.79
C SER C 105 22.59 1.13 -20.31
N ASP C 106 22.31 1.49 -21.57
CA ASP C 106 21.10 0.98 -22.21
C ASP C 106 21.09 -0.54 -22.23
N ALA C 107 22.25 -1.15 -22.44
CA ALA C 107 22.37 -2.60 -22.39
C ALA C 107 22.02 -3.14 -21.00
N ASP C 108 22.49 -2.47 -19.94
CA ASP C 108 22.12 -2.85 -18.58
C ASP C 108 20.61 -2.87 -18.44
N TRP C 109 19.96 -1.81 -18.90
CA TRP C 109 18.52 -1.69 -18.73
C TRP C 109 17.80 -2.81 -19.42
N HIS C 110 18.08 -2.99 -20.72
CA HIS C 110 17.37 -3.98 -21.52
C HIS C 110 17.59 -5.39 -21.01
N ARG C 111 18.82 -5.71 -20.59
CA ARG C 111 19.08 -7.04 -20.05
CA ARG C 111 19.06 -7.05 -20.07
C ARG C 111 18.13 -7.37 -18.90
N THR C 112 18.00 -6.43 -17.95
CA THR C 112 17.16 -6.70 -16.78
C THR C 112 15.67 -6.71 -17.13
N ILE C 113 15.19 -5.74 -17.93
CA ILE C 113 13.77 -5.78 -18.29
C ILE C 113 13.45 -7.04 -19.10
N SER C 114 14.37 -7.49 -19.95
CA SER C 114 14.08 -8.65 -20.78
C SER C 114 13.86 -9.91 -19.94
N ILE C 115 14.76 -10.17 -18.99
CA ILE C 115 14.68 -11.39 -18.20
C ILE C 115 13.58 -11.29 -17.15
N ASN C 116 13.60 -10.20 -16.38
CA ASN C 116 12.70 -10.07 -15.23
C ASN C 116 11.28 -9.71 -15.59
N LEU C 117 11.03 -9.16 -16.79
CA LEU C 117 9.68 -8.69 -17.08
C LEU C 117 9.15 -9.28 -18.39
N ASP C 118 9.83 -9.04 -19.52
CA ASP C 118 9.40 -9.67 -20.78
C ASP C 118 9.27 -11.18 -20.62
N GLY C 119 10.24 -11.81 -19.95
CA GLY C 119 10.20 -13.25 -19.78
C GLY C 119 8.96 -13.72 -19.04
N VAL C 120 8.51 -12.94 -18.05
CA VAL C 120 7.30 -13.30 -17.34
C VAL C 120 6.10 -13.23 -18.27
N PHE C 121 6.03 -12.18 -19.10
CA PHE C 121 5.01 -12.13 -20.12
C PHE C 121 5.04 -13.37 -21.02
N TYR C 122 6.22 -13.73 -21.55
CA TYR C 122 6.28 -14.86 -22.48
C TYR C 122 5.73 -16.13 -21.83
N LEU C 123 6.15 -16.40 -20.59
CA LEU C 123 5.75 -17.63 -19.92
C LEU C 123 4.25 -17.64 -19.59
N CYS C 124 3.72 -16.54 -19.05
CA CYS C 124 2.29 -16.49 -18.74
C CYS C 124 1.45 -16.61 -20.00
N LYS C 125 1.82 -15.88 -21.06
CA LYS C 125 1.05 -15.92 -22.29
C LYS C 125 1.09 -17.31 -22.93
N ARG C 126 2.29 -17.89 -23.07
CA ARG C 126 2.37 -19.23 -23.66
C ARG C 126 1.74 -20.29 -22.78
N ALA C 127 1.61 -20.04 -21.46
CA ALA C 127 1.06 -21.06 -20.58
C ALA C 127 -0.46 -21.15 -20.64
N LEU C 128 -1.16 -20.09 -21.08
CA LEU C 128 -2.62 -20.05 -21.00
C LEU C 128 -3.32 -21.31 -21.49
N PRO C 129 -3.00 -21.89 -22.66
CA PRO C 129 -3.73 -23.09 -23.09
C PRO C 129 -3.52 -24.29 -22.18
N ALA C 130 -2.42 -24.34 -21.43
CA ALA C 130 -2.08 -25.51 -20.63
C ALA C 130 -2.51 -25.42 -19.17
N LEU C 131 -2.97 -24.26 -18.70
CA LEU C 131 -3.35 -24.12 -17.30
C LEU C 131 -4.63 -24.92 -17.04
N LYS C 132 -4.64 -25.64 -15.92
CA LYS C 132 -5.76 -26.49 -15.55
C LYS C 132 -6.76 -25.74 -14.66
N GLU C 133 -7.86 -26.40 -14.30
CA GLU C 133 -8.75 -25.82 -13.33
C GLU C 133 -8.04 -25.70 -11.98
N ASP C 134 -8.40 -24.66 -11.22
CA ASP C 134 -7.82 -24.41 -9.88
C ASP C 134 -6.32 -24.17 -9.93
N SER C 135 -5.80 -23.68 -11.05
CA SER C 135 -4.38 -23.48 -11.17
C SER C 135 -3.97 -22.15 -10.51
N SER C 136 -2.65 -21.95 -10.38
CA SER C 136 -2.09 -20.73 -9.79
C SER C 136 -0.91 -20.26 -10.60
N ILE C 137 -0.78 -18.95 -10.76
CA ILE C 137 0.48 -18.33 -11.12
C ILE C 137 0.97 -17.60 -9.87
N VAL C 138 2.25 -17.77 -9.54
CA VAL C 138 2.83 -17.00 -8.45
C VAL C 138 4.10 -16.32 -8.95
N THR C 139 4.09 -15.00 -8.97
CA THR C 139 5.22 -14.18 -9.36
C THR C 139 6.16 -13.92 -8.17
N LEU C 140 7.37 -13.51 -8.49
CA LEU C 140 8.37 -13.14 -7.50
C LEU C 140 8.59 -11.65 -7.65
N ALA C 141 8.15 -10.87 -6.66
CA ALA C 141 8.44 -9.45 -6.60
C ALA C 141 9.71 -9.28 -5.77
N SER C 142 9.83 -8.19 -5.02
CA SER C 142 11.01 -7.97 -4.19
C SER C 142 10.76 -6.80 -3.26
N LEU C 143 11.42 -6.84 -2.10
CA LEU C 143 11.52 -5.72 -1.19
C LEU C 143 11.85 -4.45 -1.97
N ALA C 144 12.72 -4.56 -2.98
CA ALA C 144 13.12 -3.37 -3.74
C ALA C 144 11.95 -2.66 -4.39
N ALA C 145 10.90 -3.39 -4.78
CA ALA C 145 9.74 -2.75 -5.40
C ALA C 145 9.02 -1.82 -4.41
N TYR C 146 9.09 -2.13 -3.12
CA TYR C 146 8.35 -1.40 -2.10
C TYR C 146 9.21 -0.37 -1.40
N ARG C 147 10.43 -0.74 -1.03
CA ARG C 147 11.33 0.16 -0.33
C ARG C 147 12.03 1.11 -1.28
N GLY C 148 12.12 0.76 -2.55
CA GLY C 148 12.92 1.50 -3.50
C GLY C 148 14.33 0.96 -3.57
N ALA C 149 14.76 0.46 -4.73
CA ALA C 149 16.13 -0.05 -4.82
C ALA C 149 17.13 1.07 -4.59
N TYR C 150 18.25 0.71 -3.95
CA TYR C 150 19.29 1.68 -3.65
C TYR C 150 20.19 1.95 -4.85
N VAL C 151 20.51 0.92 -5.64
CA VAL C 151 21.38 1.08 -6.80
C VAL C 151 20.97 0.14 -7.91
N ASN C 152 19.67 0.02 -8.15
CA ASN C 152 19.15 -0.95 -9.11
C ASN C 152 17.80 -0.49 -9.60
N ALA C 153 17.73 0.68 -10.26
CA ALA C 153 16.43 1.20 -10.68
C ALA C 153 15.75 0.28 -11.69
N HIS C 154 16.52 -0.39 -12.55
CA HIS C 154 15.90 -1.32 -13.48
C HIS C 154 15.31 -2.53 -12.76
N TYR C 155 16.05 -3.09 -11.79
CA TYR C 155 15.51 -4.17 -10.99
C TYR C 155 14.23 -3.75 -10.28
N GLY C 156 14.26 -2.59 -9.60
CA GLY C 156 13.09 -2.13 -8.89
C GLY C 156 11.89 -1.95 -9.82
N ALA C 157 12.13 -1.38 -11.00
CA ALA C 157 11.06 -1.25 -11.99
C ALA C 157 10.42 -2.60 -12.33
N THR C 158 11.24 -3.61 -12.64
CA THR C 158 10.66 -4.90 -13.03
C THR C 158 9.87 -5.53 -11.90
N LYS C 159 10.30 -5.32 -10.68
CA LYS C 159 9.58 -5.93 -9.56
C LYS C 159 8.33 -5.16 -9.21
N GLY C 160 8.29 -3.84 -9.41
CA GLY C 160 7.02 -3.15 -9.32
C GLY C 160 6.06 -3.59 -10.41
N ALA C 161 6.58 -3.84 -11.61
CA ALA C 161 5.75 -4.37 -12.69
C ALA C 161 5.11 -5.69 -12.30
N MET C 162 5.87 -6.57 -11.61
CA MET C 162 5.31 -7.84 -11.14
C MET C 162 4.08 -7.60 -10.28
N VAL C 163 4.16 -6.66 -9.36
CA VAL C 163 3.03 -6.46 -8.44
C VAL C 163 1.78 -6.06 -9.22
N SER C 164 1.92 -5.11 -10.15
CA SER C 164 0.76 -4.64 -10.91
C SER C 164 0.31 -5.64 -11.95
N MET C 165 1.25 -6.34 -12.57
CA MET C 165 0.87 -7.37 -13.53
C MET C 165 0.13 -8.51 -12.85
N THR C 166 0.51 -8.82 -11.60
CA THR C 166 -0.20 -9.84 -10.83
C THR C 166 -1.66 -9.47 -10.64
N ARG C 167 -1.91 -8.20 -10.30
CA ARG C 167 -3.28 -7.72 -10.16
C ARG C 167 -4.04 -7.80 -11.48
N ALA C 168 -3.41 -7.38 -12.58
CA ALA C 168 -4.10 -7.40 -13.87
C ALA C 168 -4.47 -8.83 -14.26
N LEU C 169 -3.51 -9.75 -14.16
CA LEU C 169 -3.78 -11.12 -14.60
C LEU C 169 -4.75 -11.82 -13.65
N SER C 170 -4.76 -11.46 -12.37
CA SER C 170 -5.74 -12.07 -11.49
CA SER C 170 -5.74 -12.03 -11.46
C SER C 170 -7.16 -11.73 -11.96
N ARG C 171 -7.38 -10.51 -12.43
CA ARG C 171 -8.69 -10.16 -12.99
C ARG C 171 -8.99 -10.94 -14.25
N GLU C 172 -8.01 -11.06 -15.16
CA GLU C 172 -8.32 -11.63 -16.46
C GLU C 172 -8.39 -13.16 -16.44
N LEU C 173 -7.61 -13.82 -15.59
CA LEU C 173 -7.55 -15.28 -15.61
C LEU C 173 -8.46 -15.93 -14.57
N ALA C 174 -9.08 -15.14 -13.70
CA ALA C 174 -10.12 -15.64 -12.82
C ALA C 174 -11.35 -16.04 -13.64
N PRO C 175 -12.18 -16.97 -13.12
CA PRO C 175 -12.03 -17.69 -11.86
C PRO C 175 -11.24 -18.99 -11.99
N LYS C 176 -10.81 -19.33 -13.21
CA LYS C 176 -10.08 -20.59 -13.41
C LYS C 176 -8.73 -20.59 -12.70
N THR C 177 -8.00 -19.49 -12.80
CA THR C 177 -6.65 -19.38 -12.27
C THR C 177 -6.56 -18.21 -11.29
N ARG C 178 -5.92 -18.46 -10.14
CA ARG C 178 -5.56 -17.38 -9.20
C ARG C 178 -4.13 -16.95 -9.51
N VAL C 179 -3.88 -15.65 -9.44
CA VAL C 179 -2.58 -15.06 -9.75
C VAL C 179 -2.18 -14.23 -8.53
N ASN C 180 -1.07 -14.60 -7.91
CA ASN C 180 -0.59 -13.98 -6.68
C ASN C 180 0.91 -13.79 -6.78
N GLY C 181 1.50 -13.18 -5.76
CA GLY C 181 2.93 -12.98 -5.75
C GLY C 181 3.51 -13.10 -4.35
N VAL C 182 4.83 -13.29 -4.30
CA VAL C 182 5.60 -13.25 -3.07
C VAL C 182 6.70 -12.21 -3.22
N SER C 183 6.90 -11.38 -2.18
CA SER C 183 7.90 -10.32 -2.19
C SER C 183 8.96 -10.61 -1.13
N PRO C 184 10.07 -11.27 -1.50
CA PRO C 184 11.07 -11.64 -0.48
C PRO C 184 11.85 -10.45 0.04
N GLY C 185 12.27 -10.56 1.30
CA GLY C 185 13.21 -9.62 1.85
C GLY C 185 14.63 -10.04 1.53
N ILE C 186 15.51 -10.06 2.53
CA ILE C 186 16.91 -10.42 2.34
C ILE C 186 17.06 -11.91 2.60
N ILE C 187 17.36 -12.67 1.55
CA ILE C 187 17.40 -14.12 1.60
C ILE C 187 18.84 -14.59 1.47
N GLU C 188 19.21 -15.56 2.31
CA GLU C 188 20.55 -16.16 2.29
C GLU C 188 20.67 -17.00 1.02
N THR C 189 21.38 -16.46 0.02
CA THR C 189 21.39 -16.94 -1.36
C THR C 189 22.57 -16.32 -2.11
N PRO C 190 23.09 -16.97 -3.16
CA PRO C 190 24.15 -16.33 -3.96
C PRO C 190 23.83 -14.91 -4.42
N MET C 191 22.56 -14.60 -4.71
CA MET C 191 22.20 -13.25 -5.15
C MET C 191 22.60 -12.19 -4.13
N THR C 192 22.67 -12.55 -2.84
CA THR C 192 22.97 -11.60 -1.78
C THR C 192 24.37 -11.76 -1.17
N SER C 193 25.17 -12.70 -1.66
CA SER C 193 26.50 -12.89 -1.09
C SER C 193 27.34 -11.62 -1.22
N GLU C 194 27.34 -11.01 -2.41
CA GLU C 194 28.12 -9.80 -2.62
C GLU C 194 27.61 -8.65 -1.76
N LEU C 195 26.28 -8.48 -1.70
CA LEU C 195 25.73 -7.36 -0.94
C LEU C 195 26.07 -7.49 0.54
N LEU C 196 25.96 -8.70 1.09
CA LEU C 196 26.04 -8.86 2.54
C LEU C 196 27.45 -9.03 3.06
N LYS C 197 28.46 -9.04 2.19
CA LYS C 197 29.84 -9.05 2.67
C LYS C 197 30.15 -7.83 3.52
N THR C 198 29.63 -6.65 3.13
CA THR C 198 29.87 -5.43 3.88
C THR C 198 28.65 -4.91 4.64
N ARG C 199 27.44 -5.40 4.33
CA ARG C 199 26.22 -4.84 4.92
C ARG C 199 25.48 -5.83 5.83
N MET C 200 26.15 -6.89 6.30
CA MET C 200 25.45 -7.88 7.12
C MET C 200 25.00 -7.30 8.45
N ASP C 201 25.86 -6.51 9.10
CA ASP C 201 25.52 -5.95 10.41
C ASP C 201 24.25 -5.12 10.34
N GLU C 202 24.18 -4.20 9.37
CA GLU C 202 23.00 -3.34 9.24
C GLU C 202 21.72 -4.15 8.97
N THR C 203 21.82 -5.18 8.14
CA THR C 203 20.62 -5.93 7.76
C THR C 203 20.00 -6.63 8.96
N MET C 204 20.82 -7.32 9.76
CA MET C 204 20.28 -7.99 10.94
C MET C 204 19.81 -6.97 11.97
N THR C 205 20.49 -5.83 12.07
CA THR C 205 20.05 -4.75 12.96
C THR C 205 18.65 -4.28 12.57
N GLN C 206 18.41 -4.10 11.28
CA GLN C 206 17.13 -3.60 10.79
C GLN C 206 16.04 -4.65 10.74
N THR C 207 16.35 -5.93 10.91
CA THR C 207 15.36 -6.98 10.73
C THR C 207 14.80 -7.39 12.07
N PRO C 208 13.49 -7.22 12.31
CA PRO C 208 12.92 -7.67 13.59
C PRO C 208 13.24 -9.11 13.96
N LEU C 209 13.13 -10.05 13.01
CA LEU C 209 13.47 -11.43 13.36
C LEU C 209 14.96 -11.64 13.50
N LYS C 210 15.77 -10.60 13.24
CA LYS C 210 17.20 -10.61 13.57
C LYS C 210 17.94 -11.73 12.84
N ARG C 211 17.51 -12.01 11.62
CA ARG C 211 18.22 -13.00 10.83
C ARG C 211 17.89 -12.81 9.36
N LEU C 212 18.73 -13.42 8.53
CA LEU C 212 18.48 -13.51 7.11
C LEU C 212 17.38 -14.54 6.86
N GLY C 213 16.62 -14.35 5.79
CA GLY C 213 15.63 -15.33 5.40
C GLY C 213 16.26 -16.53 4.71
N LYS C 214 15.64 -17.64 4.85
CA LYS C 214 16.13 -18.80 4.13
C LYS C 214 15.35 -19.01 2.85
N PRO C 215 15.99 -19.53 1.80
CA PRO C 215 15.23 -19.82 0.56
C PRO C 215 13.97 -20.65 0.79
N SER C 216 14.03 -21.59 1.74
CA SER C 216 12.88 -22.44 2.02
C SER C 216 11.70 -21.64 2.56
N GLU C 217 11.96 -20.49 3.18
CA GLU C 217 10.90 -19.67 3.72
C GLU C 217 10.18 -18.85 2.65
N ILE C 218 10.75 -18.73 1.46
CA ILE C 218 9.99 -18.20 0.33
C ILE C 218 9.16 -19.32 -0.30
N ALA C 219 9.75 -20.51 -0.46
CA ALA C 219 9.04 -21.63 -1.09
C ALA C 219 7.77 -22.02 -0.34
N SER C 220 7.80 -21.96 1.00
CA SER C 220 6.63 -22.38 1.75
C SER C 220 5.46 -21.42 1.57
N VAL C 221 5.73 -20.13 1.34
CA VAL C 221 4.65 -19.18 1.09
C VAL C 221 4.11 -19.35 -0.31
N ILE C 222 4.98 -19.61 -1.29
CA ILE C 222 4.51 -19.93 -2.63
C ILE C 222 3.59 -21.15 -2.59
N ALA C 223 3.99 -22.19 -1.85
CA ALA C 223 3.16 -23.39 -1.75
C ALA C 223 1.80 -23.08 -1.14
N PHE C 224 1.77 -22.27 -0.09
CA PHE C 224 0.49 -21.84 0.47
C PHE C 224 -0.41 -21.21 -0.59
N LEU C 225 0.14 -20.27 -1.38
CA LEU C 225 -0.65 -19.59 -2.41
C LEU C 225 -1.18 -20.54 -3.48
N CYS C 226 -0.44 -21.61 -3.77
CA CYS C 226 -0.89 -22.62 -4.73
C CYS C 226 -1.91 -23.58 -4.14
N SER C 227 -2.01 -23.66 -2.84
CA SER C 227 -2.82 -24.66 -2.15
C SER C 227 -4.24 -24.17 -1.96
N PRO C 228 -5.17 -25.08 -1.66
CA PRO C 228 -6.55 -24.66 -1.37
C PRO C 228 -6.68 -23.70 -0.19
N ALA C 229 -5.71 -23.66 0.71
CA ALA C 229 -5.78 -22.73 1.84
C ALA C 229 -5.86 -21.29 1.37
N ALA C 230 -5.41 -21.00 0.15
CA ALA C 230 -5.45 -19.66 -0.42
C ALA C 230 -6.55 -19.50 -1.45
N SER C 231 -7.58 -20.35 -1.40
CA SER C 231 -8.55 -20.43 -2.48
C SER C 231 -9.34 -19.13 -2.65
N PHE C 232 -9.33 -18.23 -1.67
CA PHE C 232 -9.98 -16.94 -1.84
C PHE C 232 -8.98 -15.79 -1.94
N VAL C 233 -7.72 -16.09 -2.26
CA VAL C 233 -6.67 -15.10 -2.41
C VAL C 233 -6.31 -15.00 -3.89
N THR C 234 -6.51 -13.84 -4.48
CA THR C 234 -5.99 -13.61 -5.83
C THR C 234 -5.67 -12.12 -5.97
N GLY C 235 -4.67 -11.83 -6.80
CA GLY C 235 -4.19 -10.48 -6.99
C GLY C 235 -3.17 -10.03 -5.97
N GLU C 236 -2.83 -10.88 -5.00
CA GLU C 236 -2.19 -10.45 -3.78
C GLU C 236 -0.70 -10.79 -3.81
N THR C 237 0.16 -9.84 -3.39
CA THR C 237 1.58 -10.09 -3.21
C THR C 237 1.91 -10.02 -1.72
N ILE C 238 2.51 -11.08 -1.17
CA ILE C 238 2.71 -11.22 0.28
C ILE C 238 4.16 -10.88 0.60
N GLN C 239 4.36 -10.03 1.60
CA GLN C 239 5.71 -9.70 2.04
C GLN C 239 6.26 -10.82 2.90
N VAL C 240 7.44 -11.32 2.54
CA VAL C 240 8.10 -12.36 3.33
C VAL C 240 9.50 -11.86 3.65
N ASN C 241 9.61 -11.01 4.68
CA ASN C 241 10.86 -10.29 4.88
C ASN C 241 11.27 -10.15 6.34
N GLY C 242 10.69 -10.92 7.25
CA GLY C 242 11.11 -10.87 8.64
C GLY C 242 10.85 -9.53 9.32
N GLY C 243 10.01 -8.69 8.73
CA GLY C 243 9.72 -7.39 9.29
C GLY C 243 10.68 -6.31 8.92
N ILE C 244 11.65 -6.58 8.03
CA ILE C 244 12.61 -5.55 7.69
C ILE C 244 11.93 -4.35 7.06
N TYR C 245 10.75 -4.55 6.47
CA TYR C 245 10.00 -3.49 5.82
C TYR C 245 8.51 -3.84 5.88
N MET C 246 7.70 -2.86 6.25
CA MET C 246 6.26 -3.02 6.38
C MET C 246 5.59 -2.37 5.18
N ALA C 247 4.84 -3.15 4.43
CA ALA C 247 4.17 -2.58 3.26
C ALA C 247 2.69 -2.91 3.30
N MET D 3 -3.06 -28.47 2.27
CA MET D 3 -2.29 -28.04 3.43
C MET D 3 -2.80 -28.74 4.68
N LYS D 4 -1.87 -29.27 5.47
CA LYS D 4 -2.20 -29.97 6.70
C LYS D 4 -1.34 -29.36 7.80
N PHE D 5 -1.99 -28.86 8.85
CA PHE D 5 -1.28 -28.13 9.87
C PHE D 5 -1.02 -29.05 11.05
N GLU D 6 0.18 -28.91 11.63
CA GLU D 6 0.67 -29.76 12.71
C GLU D 6 0.71 -28.89 13.95
N PHE D 7 -0.41 -28.83 14.65
CA PHE D 7 -0.55 -27.96 15.81
C PHE D 7 -0.63 -28.76 17.11
N GLU D 8 -0.18 -30.01 17.10
CA GLU D 8 -0.28 -30.82 18.32
C GLU D 8 0.45 -30.12 19.46
N ASN D 9 -0.20 -30.04 20.61
CA ASN D 9 0.37 -29.44 21.81
C ASN D 9 0.69 -27.96 21.64
N ARG D 10 0.06 -27.29 20.66
CA ARG D 10 0.15 -25.85 20.52
C ARG D 10 -1.23 -25.30 20.89
N THR D 11 -1.27 -24.12 21.53
CA THR D 11 -2.50 -23.63 22.15
C THR D 11 -2.96 -22.33 21.49
N LEU D 12 -4.21 -22.32 21.01
CA LEU D 12 -4.87 -21.16 20.42
C LEU D 12 -5.83 -20.50 21.41
N VAL D 13 -5.71 -19.19 21.58
CA VAL D 13 -6.71 -18.39 22.25
C VAL D 13 -7.47 -17.59 21.19
N LEU D 14 -8.79 -17.77 21.15
CA LEU D 14 -9.65 -17.21 20.10
C LEU D 14 -10.86 -16.55 20.74
N THR D 15 -10.99 -15.23 20.56
CA THR D 15 -12.16 -14.49 21.02
C THR D 15 -13.22 -14.43 19.91
N GLY D 16 -14.45 -14.14 20.32
CA GLY D 16 -15.57 -14.15 19.39
C GLY D 16 -15.76 -15.49 18.71
N ALA D 17 -15.53 -16.58 19.45
CA ALA D 17 -15.47 -17.91 18.87
C ALA D 17 -16.80 -18.39 18.31
N ASN D 18 -17.92 -17.77 18.65
CA ASN D 18 -19.21 -18.25 18.15
C ASN D 18 -19.63 -17.59 16.84
N GLY D 19 -18.87 -16.60 16.36
CA GLY D 19 -19.21 -15.95 15.12
C GLY D 19 -18.88 -16.83 13.91
N GLY D 20 -19.23 -16.31 12.74
CA GLY D 20 -19.02 -17.02 11.49
C GLY D 20 -17.57 -17.37 11.26
N ILE D 21 -16.68 -16.38 11.25
CA ILE D 21 -15.26 -16.66 11.06
C ILE D 21 -14.68 -17.38 12.29
N GLY D 22 -15.12 -16.99 13.48
CA GLY D 22 -14.62 -17.63 14.69
C GLY D 22 -14.82 -19.13 14.69
N ARG D 23 -16.01 -19.58 14.32
CA ARG D 23 -16.28 -21.02 14.28
C ARG D 23 -15.36 -21.73 13.30
N ALA D 24 -15.15 -21.13 12.13
CA ALA D 24 -14.27 -21.74 11.14
C ALA D 24 -12.85 -21.84 11.67
N ILE D 25 -12.39 -20.81 12.39
CA ILE D 25 -11.04 -20.86 12.96
C ILE D 25 -10.92 -22.03 13.93
N ALA D 26 -11.85 -22.10 14.89
CA ALA D 26 -11.81 -23.15 15.90
C ALA D 26 -11.80 -24.54 15.29
N GLU D 27 -12.68 -24.79 14.31
CA GLU D 27 -12.75 -26.10 13.69
C GLU D 27 -11.42 -26.49 13.07
N LEU D 28 -10.80 -25.58 12.31
CA LEU D 28 -9.58 -25.93 11.61
C LEU D 28 -8.44 -26.19 12.59
N PHE D 29 -8.28 -25.31 13.59
CA PHE D 29 -7.19 -25.50 14.56
C PHE D 29 -7.39 -26.77 15.37
N HIS D 30 -8.62 -27.06 15.77
CA HIS D 30 -8.90 -28.29 16.52
C HIS D 30 -8.56 -29.53 15.70
N ALA D 31 -8.99 -29.56 14.43
CA ALA D 31 -8.66 -30.65 13.52
C ALA D 31 -7.15 -30.81 13.34
N SER D 32 -6.39 -29.74 13.57
CA SER D 32 -4.94 -29.74 13.41
C SER D 32 -4.20 -30.12 14.68
N GLY D 33 -4.91 -30.54 15.72
CA GLY D 33 -4.28 -31.04 16.94
C GLY D 33 -4.01 -30.02 18.03
N ALA D 34 -4.44 -28.76 17.84
CA ALA D 34 -4.16 -27.68 18.78
C ALA D 34 -5.08 -27.74 20.01
N ASN D 35 -4.63 -27.07 21.07
CA ASN D 35 -5.47 -26.75 22.21
C ASN D 35 -6.20 -25.45 21.93
N LEU D 36 -7.45 -25.37 22.38
CA LEU D 36 -8.30 -24.20 22.15
C LEU D 36 -8.74 -23.58 23.48
N VAL D 37 -8.53 -22.27 23.60
CA VAL D 37 -9.17 -21.47 24.64
C VAL D 37 -10.13 -20.53 23.91
N LEU D 38 -11.42 -20.83 23.99
CA LEU D 38 -12.43 -20.09 23.26
C LEU D 38 -13.14 -19.14 24.20
N THR D 39 -13.25 -17.89 23.80
CA THR D 39 -14.05 -16.93 24.56
C THR D 39 -15.08 -16.30 23.63
N ASP D 40 -16.19 -15.88 24.22
CA ASP D 40 -17.25 -15.22 23.48
C ASP D 40 -18.18 -14.56 24.48
N LEU D 41 -18.89 -13.53 24.00
CA LEU D 41 -19.92 -12.89 24.81
C LEU D 41 -21.14 -13.79 24.97
N ASP D 42 -21.35 -14.70 24.03
CA ASP D 42 -22.50 -15.60 24.05
C ASP D 42 -22.00 -16.95 24.57
N ARG D 43 -22.13 -17.14 25.89
CA ARG D 43 -21.60 -18.35 26.52
C ARG D 43 -22.39 -19.59 26.12
N GLU D 44 -23.66 -19.45 25.75
CA GLU D 44 -24.48 -20.62 25.48
C GLU D 44 -24.15 -21.20 24.10
N GLY D 45 -24.11 -20.36 23.07
CA GLY D 45 -23.74 -20.83 21.74
C GLY D 45 -22.36 -21.44 21.70
N LEU D 46 -21.38 -20.76 22.31
CA LEU D 46 -20.00 -21.24 22.29
C LEU D 46 -19.89 -22.63 22.91
N ASP D 47 -20.48 -22.82 24.09
CA ASP D 47 -20.42 -24.13 24.75
C ASP D 47 -21.09 -25.21 23.91
N ALA D 48 -22.25 -24.90 23.34
CA ALA D 48 -22.92 -25.84 22.45
C ALA D 48 -22.09 -26.12 21.20
N PHE D 49 -21.55 -25.07 20.58
CA PHE D 49 -20.75 -25.29 19.39
C PHE D 49 -19.51 -26.13 19.72
N ALA D 50 -18.85 -25.82 20.84
CA ALA D 50 -17.64 -26.56 21.22
C ALA D 50 -17.92 -28.03 21.40
N ALA D 51 -19.13 -28.38 21.84
CA ALA D 51 -19.47 -29.78 22.03
C ALA D 51 -19.33 -30.56 20.74
N SER D 52 -19.76 -29.97 19.62
CA SER D 52 -19.66 -30.68 18.34
C SER D 52 -18.21 -30.91 17.94
N LEU D 53 -17.33 -29.94 18.20
CA LEU D 53 -15.90 -30.11 17.92
C LEU D 53 -15.25 -31.04 18.95
N GLY D 54 -15.86 -31.15 20.12
CA GLY D 54 -15.52 -32.02 21.24
C GLY D 54 -14.27 -32.87 21.30
N SER D 55 -13.23 -32.33 21.92
CA SER D 55 -12.23 -33.12 22.64
C SER D 55 -11.87 -32.26 23.85
N PRO D 56 -12.64 -32.39 24.93
CA PRO D 56 -12.48 -31.48 26.08
C PRO D 56 -11.07 -31.45 26.68
N GLU D 57 -10.28 -32.51 26.48
CA GLU D 57 -8.90 -32.46 26.94
C GLU D 57 -8.13 -31.30 26.27
N ARG D 58 -8.53 -30.93 25.06
CA ARG D 58 -7.90 -29.86 24.29
C ARG D 58 -8.72 -28.58 24.21
N ILE D 59 -9.86 -28.49 24.91
CA ILE D 59 -10.77 -27.35 24.79
C ILE D 59 -11.11 -26.77 26.16
N ALA D 60 -11.04 -25.44 26.27
CA ALA D 60 -11.52 -24.69 27.43
C ALA D 60 -12.30 -23.46 26.96
N THR D 61 -13.44 -23.19 27.57
CA THR D 61 -14.26 -22.03 27.18
C THR D 61 -14.55 -21.12 28.37
N ILE D 62 -14.89 -19.87 28.07
CA ILE D 62 -15.24 -18.87 29.09
C ILE D 62 -16.07 -17.77 28.42
N LYS D 63 -17.06 -17.25 29.14
CA LYS D 63 -17.83 -16.09 28.68
C LYS D 63 -17.03 -14.82 28.93
N ALA D 64 -16.75 -14.06 27.87
CA ALA D 64 -15.90 -12.88 27.99
C ALA D 64 -16.39 -11.77 27.07
N ASP D 65 -16.46 -10.54 27.60
CA ASP D 65 -16.79 -9.35 26.85
C ASP D 65 -15.49 -8.74 26.31
N ALA D 66 -15.42 -8.55 24.99
CA ALA D 66 -14.21 -8.01 24.39
C ALA D 66 -13.81 -6.67 25.00
N SER D 67 -14.79 -5.87 25.43
CA SER D 67 -14.52 -4.57 26.01
C SER D 67 -14.05 -4.64 27.46
N SER D 68 -13.97 -5.82 28.07
CA SER D 68 -13.62 -5.96 29.48
C SER D 68 -12.15 -6.32 29.62
N ALA D 69 -11.38 -5.43 30.25
CA ALA D 69 -9.97 -5.70 30.52
C ALA D 69 -9.82 -6.87 31.47
N ASP D 70 -10.71 -6.99 32.45
CA ASP D 70 -10.61 -8.08 33.41
C ASP D 70 -10.86 -9.43 32.75
N ASP D 71 -11.73 -9.48 31.71
CA ASP D 71 -11.95 -10.73 31.00
C ASP D 71 -10.72 -11.15 30.19
N ALA D 72 -9.96 -10.19 29.67
CA ALA D 72 -8.69 -10.54 29.04
C ALA D 72 -7.76 -11.22 30.04
N GLU D 73 -7.69 -10.70 31.27
CA GLU D 73 -6.91 -11.32 32.33
C GLU D 73 -7.40 -12.73 32.64
N LYS D 74 -8.72 -12.92 32.73
CA LYS D 74 -9.25 -14.25 32.99
C LYS D 74 -8.90 -15.21 31.86
N THR D 75 -8.98 -14.72 30.62
CA THR D 75 -8.70 -15.56 29.47
C THR D 75 -7.27 -16.06 29.49
N VAL D 76 -6.31 -15.17 29.76
CA VAL D 76 -4.91 -15.58 29.81
C VAL D 76 -4.66 -16.54 30.98
N ALA D 77 -5.24 -16.24 32.15
CA ALA D 77 -5.06 -17.12 33.30
C ALA D 77 -5.57 -18.53 33.00
N LEU D 78 -6.72 -18.62 32.33
CA LEU D 78 -7.24 -19.92 31.91
C LEU D 78 -6.29 -20.60 30.93
N ALA D 79 -5.73 -19.84 29.98
CA ALA D 79 -4.74 -20.44 29.08
C ALA D 79 -3.52 -20.95 29.85
N MET D 80 -3.02 -20.14 30.79
CA MET D 80 -1.89 -20.57 31.61
C MET D 80 -2.25 -21.79 32.44
N GLU D 81 -3.42 -21.77 33.09
CA GLU D 81 -3.77 -22.87 34.01
C GLU D 81 -4.00 -24.17 33.25
N ARG D 82 -4.74 -24.13 32.14
CA ARG D 82 -5.12 -25.38 31.46
C ARG D 82 -4.01 -25.94 30.60
N PHE D 83 -3.29 -25.09 29.87
CA PHE D 83 -2.36 -25.59 28.88
C PHE D 83 -0.96 -25.03 29.03
N GLY D 84 -0.72 -24.14 30.00
CA GLY D 84 0.61 -23.65 30.30
C GLY D 84 1.13 -22.53 29.42
N GLY D 85 0.34 -22.05 28.45
CA GLY D 85 0.83 -20.96 27.63
C GLY D 85 -0.03 -20.75 26.40
N ILE D 86 0.46 -19.87 25.54
CA ILE D 86 -0.23 -19.46 24.34
C ILE D 86 0.72 -19.58 23.17
N ASP D 87 0.31 -20.32 22.13
CA ASP D 87 1.03 -20.38 20.86
C ASP D 87 0.42 -19.45 19.81
N PHE D 88 -0.91 -19.35 19.77
CA PHE D 88 -1.60 -18.55 18.77
C PHE D 88 -2.66 -17.69 19.45
N LEU D 89 -2.64 -16.38 19.18
CA LEU D 89 -3.61 -15.43 19.72
C LEU D 89 -4.39 -14.77 18.59
N VAL D 90 -5.71 -14.95 18.59
CA VAL D 90 -6.55 -14.43 17.52
C VAL D 90 -7.71 -13.61 18.06
N PRO D 91 -7.62 -12.35 18.11
CA PRO D 91 -8.72 -11.49 18.58
C PRO D 91 -9.78 -11.24 17.51
N SER D 92 -10.68 -12.20 17.34
CA SER D 92 -11.65 -12.18 16.26
C SER D 92 -12.93 -11.41 16.59
N ALA D 93 -13.27 -11.25 17.87
CA ALA D 93 -14.49 -10.57 18.26
C ALA D 93 -14.56 -9.16 17.69
N GLY D 94 -15.70 -8.82 17.10
CA GLY D 94 -15.91 -7.48 16.55
C GLY D 94 -17.37 -7.25 16.20
N ILE D 95 -17.72 -5.97 16.09
CA ILE D 95 -19.07 -5.61 15.66
C ILE D 95 -18.98 -4.76 14.41
N TYR D 96 -19.99 -4.92 13.54
CA TYR D 96 -20.07 -4.21 12.27
C TYR D 96 -21.42 -3.54 12.23
N GLN D 97 -21.45 -2.23 12.47
CA GLN D 97 -22.69 -1.48 12.50
C GLN D 97 -22.75 -0.58 11.29
N ALA D 98 -23.83 -0.68 10.53
CA ALA D 98 -24.06 0.27 9.46
C ALA D 98 -24.65 1.53 10.07
N LYS D 99 -23.93 2.64 9.95
CA LYS D 99 -24.33 3.89 10.60
C LYS D 99 -23.76 5.03 9.79
N PRO D 100 -24.54 5.62 8.88
CA PRO D 100 -24.07 6.81 8.15
C PRO D 100 -23.52 7.85 9.14
N PHE D 101 -22.44 8.50 8.74
CA PHE D 101 -21.69 9.36 9.65
C PHE D 101 -22.55 10.48 10.21
N ALA D 102 -23.45 11.05 9.41
CA ALA D 102 -24.29 12.14 9.91
C ALA D 102 -25.25 11.68 11.00
N GLU D 103 -25.52 10.38 11.11
CA GLU D 103 -26.39 9.85 12.14
C GLU D 103 -25.64 9.18 13.30
N MET D 104 -24.30 9.15 13.26
CA MET D 104 -23.54 8.37 14.23
C MET D 104 -23.52 9.07 15.59
N SER D 105 -24.05 8.40 16.61
CA SER D 105 -24.05 8.92 17.97
C SER D 105 -22.70 8.69 18.63
N ASP D 106 -22.45 9.45 19.69
CA ASP D 106 -21.22 9.23 20.46
C ASP D 106 -21.20 7.81 21.00
N ALA D 107 -22.35 7.29 21.42
CA ALA D 107 -22.43 5.91 21.88
C ALA D 107 -22.10 4.93 20.75
N ASP D 108 -22.60 5.18 19.54
CA ASP D 108 -22.24 4.32 18.41
C ASP D 108 -20.73 4.23 18.26
N TRP D 109 -20.07 5.38 18.27
CA TRP D 109 -18.63 5.41 18.05
C TRP D 109 -17.90 4.60 19.11
N HIS D 110 -18.19 4.90 20.37
CA HIS D 110 -17.45 4.28 21.47
C HIS D 110 -17.63 2.77 21.51
N ARG D 111 -18.83 2.30 21.18
CA ARG D 111 -19.09 0.86 21.24
C ARG D 111 -18.23 0.10 20.23
N THR D 112 -18.09 0.65 19.03
CA THR D 112 -17.27 -0.01 18.01
C THR D 112 -15.78 0.05 18.37
N ILE D 113 -15.30 1.21 18.83
CA ILE D 113 -13.89 1.32 19.21
C ILE D 113 -13.58 0.41 20.40
N SER D 114 -14.47 0.35 21.38
CA SER D 114 -14.20 -0.44 22.58
CA SER D 114 -14.21 -0.43 22.58
C SER D 114 -14.05 -1.92 22.25
N ILE D 115 -14.95 -2.46 21.44
CA ILE D 115 -14.91 -3.88 21.11
C ILE D 115 -13.80 -4.19 20.12
N ASN D 116 -13.76 -3.44 19.01
CA ASN D 116 -12.86 -3.75 17.90
C ASN D 116 -11.42 -3.30 18.15
N LEU D 117 -11.19 -2.38 19.09
CA LEU D 117 -9.83 -1.85 19.21
C LEU D 117 -9.32 -2.00 20.64
N ASP D 118 -10.02 -1.37 21.62
CA ASP D 118 -9.60 -1.52 23.01
C ASP D 118 -9.48 -2.98 23.39
N GLY D 119 -10.46 -3.80 23.00
CA GLY D 119 -10.42 -5.20 23.36
C GLY D 119 -9.20 -5.91 22.83
N VAL D 120 -8.79 -5.56 21.61
CA VAL D 120 -7.59 -6.17 21.05
C VAL D 120 -6.37 -5.78 21.87
N PHE D 121 -6.29 -4.51 22.28
CA PHE D 121 -5.22 -4.10 23.17
C PHE D 121 -5.21 -4.93 24.45
N TYR D 122 -6.37 -5.05 25.12
CA TYR D 122 -6.41 -5.74 26.39
C TYR D 122 -5.88 -7.15 26.26
N LEU D 123 -6.33 -7.87 25.23
CA LEU D 123 -5.95 -9.26 25.05
C LEU D 123 -4.46 -9.38 24.71
N CYS D 124 -3.96 -8.55 23.79
CA CYS D 124 -2.54 -8.62 23.46
C CYS D 124 -1.68 -8.29 24.68
N LYS D 125 -2.04 -7.25 25.43
CA LYS D 125 -1.25 -6.84 26.59
C LYS D 125 -1.24 -7.92 27.68
N ARG D 126 -2.41 -8.45 28.01
CA ARG D 126 -2.44 -9.46 29.06
C ARG D 126 -1.78 -10.77 28.64
N ALA D 127 -1.68 -11.04 27.34
CA ALA D 127 -1.14 -12.31 26.86
C ALA D 127 0.38 -12.38 26.91
N LEU D 128 1.07 -11.25 26.99
CA LEU D 128 2.53 -11.21 26.82
C LEU D 128 3.30 -12.23 27.66
N PRO D 129 3.11 -12.35 28.98
CA PRO D 129 3.89 -13.32 29.76
C PRO D 129 3.62 -14.76 29.37
N ALA D 130 2.46 -15.04 28.78
CA ALA D 130 2.05 -16.40 28.44
C ALA D 130 2.48 -16.82 27.04
N LEU D 131 3.00 -15.90 26.21
CA LEU D 131 3.37 -16.26 24.85
C LEU D 131 4.59 -17.18 24.87
N LYS D 132 4.54 -18.25 24.08
CA LYS D 132 5.61 -19.23 24.02
C LYS D 132 6.60 -18.86 22.92
N GLU D 133 7.67 -19.65 22.82
CA GLU D 133 8.57 -19.47 21.68
C GLU D 133 7.83 -19.84 20.39
N ASP D 134 8.14 -19.11 19.32
CA ASP D 134 7.55 -19.32 18.00
C ASP D 134 6.03 -19.09 17.99
N SER D 135 5.54 -18.19 18.84
CA SER D 135 4.12 -17.93 18.92
C SER D 135 3.67 -16.95 17.80
N SER D 136 2.36 -16.80 17.65
CA SER D 136 1.75 -15.91 16.65
C SER D 136 0.57 -15.14 17.22
N ILE D 137 0.49 -13.85 16.87
CA ILE D 137 -0.74 -13.07 16.97
C ILE D 137 -1.24 -12.83 15.55
N VAL D 138 -2.53 -13.06 15.32
CA VAL D 138 -3.15 -12.75 14.02
C VAL D 138 -4.37 -11.90 14.27
N THR D 139 -4.33 -10.66 13.79
CA THR D 139 -5.43 -9.73 13.91
C THR D 139 -6.39 -9.87 12.73
N LEU D 140 -7.61 -9.38 12.92
CA LEU D 140 -8.61 -9.36 11.86
C LEU D 140 -8.80 -7.91 11.43
N ALA D 141 -8.36 -7.61 10.21
CA ALA D 141 -8.60 -6.32 9.59
C ALA D 141 -9.89 -6.44 8.78
N SER D 142 -9.99 -5.70 7.68
CA SER D 142 -11.16 -5.79 6.81
C SER D 142 -10.88 -5.00 5.54
N LEU D 143 -11.52 -5.44 4.45
CA LEU D 143 -11.59 -4.72 3.20
C LEU D 143 -11.87 -3.24 3.42
N ALA D 144 -12.74 -2.93 4.38
CA ALA D 144 -13.13 -1.55 4.62
C ALA D 144 -11.93 -0.68 5.02
N ALA D 145 -10.92 -1.25 5.68
CA ALA D 145 -9.77 -0.44 6.09
C ALA D 145 -9.03 0.09 4.87
N TYR D 146 -9.05 -0.67 3.78
CA TYR D 146 -8.32 -0.40 2.55
C TYR D 146 -9.18 0.32 1.53
N ARG D 147 -10.40 -0.18 1.28
CA ARG D 147 -11.27 0.46 0.30
C ARG D 147 -11.93 1.72 0.85
N GLY D 148 -12.04 1.85 2.17
CA GLY D 148 -12.83 2.92 2.76
C GLY D 148 -14.27 2.50 2.98
N ALA D 149 -14.71 2.50 4.24
CA ALA D 149 -16.08 2.08 4.56
C ALA D 149 -17.10 3.01 3.93
N TYR D 150 -18.24 2.44 3.53
CA TYR D 150 -19.29 3.23 2.89
C TYR D 150 -20.17 3.91 3.90
N VAL D 151 -20.53 3.23 4.99
CA VAL D 151 -21.40 3.80 6.01
C VAL D 151 -20.98 3.28 7.38
N ASN D 152 -19.68 3.28 7.64
CA ASN D 152 -19.15 2.72 8.88
C ASN D 152 -17.78 3.32 9.17
N ALA D 153 -17.71 4.64 9.37
CA ALA D 153 -16.40 5.26 9.60
C ALA D 153 -15.77 4.75 10.89
N HIS D 154 -16.56 4.41 11.90
CA HIS D 154 -15.98 3.84 13.10
C HIS D 154 -15.41 2.43 12.85
N TYR D 155 -16.12 1.60 12.11
CA TYR D 155 -15.61 0.27 11.78
C TYR D 155 -14.31 0.38 10.99
N GLY D 156 -14.31 1.21 9.95
CA GLY D 156 -13.10 1.38 9.16
C GLY D 156 -11.92 1.86 9.97
N ALA D 157 -12.15 2.81 10.88
CA ALA D 157 -11.10 3.31 11.74
C ALA D 157 -10.45 2.19 12.54
N THR D 158 -11.27 1.35 13.19
CA THR D 158 -10.69 0.28 14.00
C THR D 158 -9.95 -0.74 13.14
N LYS D 159 -10.41 -0.97 11.90
CA LYS D 159 -9.70 -1.95 11.10
C LYS D 159 -8.40 -1.39 10.51
N GLY D 160 -8.34 -0.09 10.23
CA GLY D 160 -7.04 0.52 9.93
C GLY D 160 -6.11 0.49 11.13
N ALA D 161 -6.66 0.73 12.32
CA ALA D 161 -5.87 0.58 13.54
C ALA D 161 -5.27 -0.83 13.64
N MET D 162 -6.03 -1.86 13.26
CA MET D 162 -5.49 -3.22 13.28
C MET D 162 -4.23 -3.36 12.41
N VAL D 163 -4.24 -2.76 11.22
CA VAL D 163 -3.09 -2.96 10.33
C VAL D 163 -1.83 -2.36 10.93
N SER D 164 -1.94 -1.13 11.44
CA SER D 164 -0.77 -0.46 12.01
C SER D 164 -0.38 -1.03 13.35
N MET D 165 -1.35 -1.48 14.15
CA MET D 165 -1.01 -2.07 15.43
C MET D 165 -0.25 -3.38 15.21
N THR D 166 -0.62 -4.11 14.17
CA THR D 166 0.10 -5.33 13.79
C THR D 166 1.56 -5.03 13.46
N ARG D 167 1.81 -3.97 12.71
CA ARG D 167 3.18 -3.56 12.40
C ARG D 167 3.95 -3.19 13.66
N ALA D 168 3.33 -2.40 14.54
CA ALA D 168 3.99 -1.97 15.77
C ALA D 168 4.35 -3.16 16.66
N LEU D 169 3.38 -4.03 16.92
CA LEU D 169 3.65 -5.16 17.79
C LEU D 169 4.60 -6.16 17.14
N SER D 170 4.58 -6.27 15.82
CA SER D 170 5.54 -7.13 15.14
C SER D 170 6.96 -6.71 15.46
N ARG D 171 7.21 -5.39 15.57
CA ARG D 171 8.54 -4.93 15.93
C ARG D 171 8.86 -5.23 17.39
N GLU D 172 7.90 -5.00 18.29
CA GLU D 172 8.20 -5.11 19.70
C GLU D 172 8.31 -6.55 20.18
N LEU D 173 7.53 -7.47 19.62
CA LEU D 173 7.52 -8.83 20.16
C LEU D 173 8.47 -9.76 19.42
N ALA D 174 9.07 -9.31 18.32
CA ALA D 174 10.12 -10.06 17.65
C ALA D 174 11.36 -10.13 18.56
N PRO D 175 12.20 -11.17 18.39
CA PRO D 175 12.02 -12.28 17.45
C PRO D 175 11.20 -13.45 18.00
N LYS D 176 10.76 -13.36 19.26
CA LYS D 176 10.04 -14.48 19.87
C LYS D 176 8.68 -14.70 19.23
N THR D 177 7.90 -13.63 18.99
CA THR D 177 6.52 -13.75 18.55
C THR D 177 6.36 -13.01 17.23
N ARG D 178 5.68 -13.64 16.25
CA ARG D 178 5.29 -12.98 15.00
C ARG D 178 3.86 -12.44 15.09
N VAL D 179 3.64 -11.26 14.51
CA VAL D 179 2.34 -10.60 14.55
C VAL D 179 1.93 -10.24 13.13
N ASN D 180 0.80 -10.80 12.67
CA ASN D 180 0.31 -10.65 11.31
C ASN D 180 -1.19 -10.44 11.36
N GLY D 181 -1.80 -10.25 10.19
CA GLY D 181 -3.24 -10.05 10.11
C GLY D 181 -3.85 -10.64 8.85
N VAL D 182 -5.17 -10.80 8.89
CA VAL D 182 -5.94 -11.19 7.71
C VAL D 182 -7.01 -10.13 7.47
N SER D 183 -7.14 -9.70 6.21
CA SER D 183 -8.09 -8.67 5.82
C SER D 183 -9.16 -9.30 4.95
N PRO D 184 -10.29 -9.75 5.52
CA PRO D 184 -11.30 -10.43 4.71
C PRO D 184 -12.05 -9.47 3.81
N GLY D 185 -12.48 -9.98 2.66
CA GLY D 185 -13.40 -9.26 1.81
C GLY D 185 -14.81 -9.55 2.23
N ILE D 186 -15.67 -9.92 1.28
CA ILE D 186 -17.07 -10.16 1.57
C ILE D 186 -17.26 -11.65 1.87
N ILE D 187 -17.52 -11.96 3.14
CA ILE D 187 -17.61 -13.32 3.64
C ILE D 187 -19.06 -13.56 4.04
N GLU D 188 -19.64 -14.66 3.59
CA GLU D 188 -21.03 -14.96 3.93
C GLU D 188 -21.09 -15.40 5.39
N THR D 189 -21.62 -14.53 6.25
CA THR D 189 -21.86 -14.84 7.66
C THR D 189 -23.11 -14.08 8.08
N PRO D 190 -23.67 -14.39 9.26
CA PRO D 190 -24.74 -13.53 9.80
C PRO D 190 -24.37 -12.05 9.92
N MET D 191 -23.08 -11.72 10.07
CA MET D 191 -22.68 -10.31 10.14
C MET D 191 -23.13 -9.55 8.90
N THR D 192 -23.03 -10.17 7.72
CA THR D 192 -23.35 -9.51 6.46
C THR D 192 -24.72 -9.90 5.91
N SER D 193 -25.45 -10.80 6.58
CA SER D 193 -26.62 -11.42 5.97
C SER D 193 -27.65 -10.38 5.50
N GLU D 194 -28.03 -9.44 6.38
CA GLU D 194 -29.08 -8.49 6.02
C GLU D 194 -28.64 -7.59 4.87
N LEU D 195 -27.44 -7.01 4.98
CA LEU D 195 -26.98 -6.10 3.93
C LEU D 195 -26.83 -6.82 2.59
N LEU D 196 -26.40 -8.07 2.63
CA LEU D 196 -25.97 -8.78 1.45
C LEU D 196 -27.09 -9.46 0.68
N LYS D 197 -28.26 -9.65 1.30
CA LYS D 197 -29.31 -10.45 0.67
C LYS D 197 -29.79 -9.84 -0.64
N THR D 198 -29.79 -8.53 -0.76
CA THR D 198 -30.23 -7.91 -2.00
C THR D 198 -29.06 -7.49 -2.88
N ARG D 199 -27.84 -7.90 -2.54
CA ARG D 199 -26.64 -7.43 -3.24
C ARG D 199 -25.67 -8.56 -3.57
N MET D 200 -26.14 -9.81 -3.56
CA MET D 200 -25.25 -10.94 -3.81
C MET D 200 -24.72 -10.94 -5.24
N ASP D 201 -25.62 -10.78 -6.23
CA ASP D 201 -25.20 -10.72 -7.63
C ASP D 201 -24.25 -9.56 -7.88
N GLU D 202 -24.58 -8.39 -7.35
CA GLU D 202 -23.73 -7.22 -7.53
C GLU D 202 -22.33 -7.49 -6.96
N THR D 203 -22.26 -8.15 -5.81
CA THR D 203 -20.97 -8.43 -5.19
C THR D 203 -20.20 -9.44 -6.01
N MET D 204 -20.85 -10.51 -6.46
CA MET D 204 -20.15 -11.52 -7.26
C MET D 204 -19.69 -10.96 -8.58
N THR D 205 -20.49 -10.08 -9.19
CA THR D 205 -20.09 -9.43 -10.44
C THR D 205 -18.80 -8.62 -10.26
N GLN D 206 -18.64 -7.96 -9.11
CA GLN D 206 -17.45 -7.17 -8.83
C GLN D 206 -16.24 -8.02 -8.44
N THR D 207 -16.43 -9.30 -8.17
CA THR D 207 -15.40 -10.16 -7.61
C THR D 207 -14.82 -11.03 -8.71
N PRO D 208 -13.52 -10.92 -8.99
CA PRO D 208 -12.93 -11.78 -10.04
C PRO D 208 -13.22 -13.27 -9.87
N LEU D 209 -13.12 -13.81 -8.66
CA LEU D 209 -13.45 -15.22 -8.46
C LEU D 209 -14.95 -15.51 -8.50
N LYS D 210 -15.79 -14.48 -8.65
CA LYS D 210 -17.22 -14.64 -8.94
C LYS D 210 -17.96 -15.42 -7.85
N ARG D 211 -17.58 -15.21 -6.61
CA ARG D 211 -18.33 -15.82 -5.53
C ARG D 211 -18.06 -15.07 -4.24
N LEU D 212 -18.92 -15.30 -3.27
CA LEU D 212 -18.72 -14.79 -1.94
C LEU D 212 -17.67 -15.64 -1.22
N GLY D 213 -16.99 -15.03 -0.26
CA GLY D 213 -16.03 -15.77 0.53
C GLY D 213 -16.71 -16.66 1.57
N LYS D 214 -16.03 -17.78 1.89
CA LYS D 214 -16.48 -18.68 2.94
C LYS D 214 -15.66 -18.46 4.19
N PRO D 215 -16.27 -18.59 5.38
CA PRO D 215 -15.50 -18.45 6.64
C PRO D 215 -14.27 -19.36 6.71
N SER D 216 -14.34 -20.57 6.17
CA SER D 216 -13.17 -21.46 6.18
C SER D 216 -12.04 -20.90 5.34
N GLU D 217 -12.33 -20.06 4.36
CA GLU D 217 -11.26 -19.48 3.55
C GLU D 217 -10.54 -18.34 4.27
N ILE D 218 -11.14 -17.79 5.32
CA ILE D 218 -10.41 -16.90 6.22
C ILE D 218 -9.58 -17.72 7.20
N ALA D 219 -10.18 -18.79 7.73
CA ALA D 219 -9.53 -19.63 8.73
C ALA D 219 -8.25 -20.26 8.22
N SER D 220 -8.25 -20.71 6.97
CA SER D 220 -7.07 -21.38 6.42
C SER D 220 -5.89 -20.42 6.27
N VAL D 221 -6.16 -19.15 6.04
CA VAL D 221 -5.08 -18.17 5.95
C VAL D 221 -4.55 -17.83 7.33
N ILE D 222 -5.45 -17.74 8.32
CA ILE D 222 -4.98 -17.57 9.68
C ILE D 222 -4.10 -18.74 10.09
N ALA D 223 -4.53 -19.97 9.76
CA ALA D 223 -3.72 -21.14 10.10
C ALA D 223 -2.35 -21.09 9.43
N PHE D 224 -2.31 -20.72 8.14
CA PHE D 224 -1.04 -20.53 7.44
C PHE D 224 -0.13 -19.54 8.19
N LEU D 225 -0.67 -18.38 8.59
CA LEU D 225 0.16 -17.38 9.27
C LEU D 225 0.69 -17.90 10.60
N CYS D 226 -0.07 -18.74 11.28
CA CYS D 226 0.41 -19.33 12.51
C CYS D 226 1.42 -20.45 12.28
N SER D 227 1.45 -21.03 11.09
CA SER D 227 2.18 -22.26 10.82
C SER D 227 3.64 -21.97 10.48
N PRO D 228 4.49 -22.99 10.49
CA PRO D 228 5.89 -22.80 10.06
C PRO D 228 6.06 -22.31 8.63
N ALA D 229 5.05 -22.48 7.77
CA ALA D 229 5.15 -21.96 6.41
C ALA D 229 5.29 -20.44 6.36
N ALA D 230 4.89 -19.74 7.43
CA ALA D 230 4.98 -18.29 7.51
C ALA D 230 6.12 -17.82 8.43
N SER D 231 7.16 -18.64 8.60
CA SER D 231 8.16 -18.38 9.63
C SER D 231 8.95 -17.10 9.36
N PHE D 232 8.98 -16.60 8.14
CA PHE D 232 9.66 -15.34 7.88
C PHE D 232 8.66 -14.22 7.57
N VAL D 233 7.41 -14.37 7.97
CA VAL D 233 6.39 -13.36 7.73
C VAL D 233 6.04 -12.72 9.07
N THR D 234 6.30 -11.43 9.18
CA THR D 234 5.81 -10.74 10.37
C THR D 234 5.49 -9.29 10.02
N GLY D 235 4.48 -8.75 10.71
CA GLY D 235 4.03 -7.41 10.46
C GLY D 235 3.05 -7.27 9.31
N GLU D 236 2.69 -8.39 8.68
CA GLU D 236 2.02 -8.41 7.37
C GLU D 236 0.53 -8.72 7.51
N THR D 237 -0.31 -7.95 6.82
CA THR D 237 -1.75 -8.22 6.74
C THR D 237 -2.07 -8.68 5.31
N ILE D 238 -2.73 -9.84 5.18
CA ILE D 238 -2.99 -10.49 3.89
C ILE D 238 -4.43 -10.24 3.48
N GLN D 239 -4.64 -9.80 2.24
CA GLN D 239 -5.98 -9.60 1.71
C GLN D 239 -6.58 -10.93 1.27
N VAL D 240 -7.78 -11.23 1.76
CA VAL D 240 -8.47 -12.46 1.39
C VAL D 240 -9.87 -12.11 0.89
N ASN D 241 -9.95 -11.67 -0.38
CA ASN D 241 -11.19 -11.09 -0.85
C ASN D 241 -11.55 -11.51 -2.28
N GLY D 242 -10.94 -12.55 -2.82
CA GLY D 242 -11.31 -13.03 -4.13
C GLY D 242 -11.01 -12.04 -5.24
N GLY D 243 -10.19 -11.04 -4.96
CA GLY D 243 -9.85 -10.02 -5.93
C GLY D 243 -10.81 -8.86 -6.03
N ILE D 244 -11.79 -8.76 -5.12
CA ILE D 244 -12.76 -7.65 -5.20
C ILE D 244 -12.04 -6.33 -5.03
N TYR D 245 -10.87 -6.35 -4.40
CA TYR D 245 -10.10 -5.14 -4.17
C TYR D 245 -8.62 -5.51 -4.08
N MET D 246 -7.78 -4.73 -4.74
CA MET D 246 -6.33 -4.96 -4.74
C MET D 246 -5.65 -3.92 -3.86
N ALA D 247 -4.93 -4.37 -2.86
CA ALA D 247 -4.29 -3.44 -1.94
C ALA D 247 -2.80 -3.71 -1.90
#